data_3H71
#
_entry.id   3H71
#
_cell.length_a   158.040
_cell.length_b   47.670
_cell.length_c   137.270
_cell.angle_alpha   90.00
_cell.angle_beta   116.56
_cell.angle_gamma   90.00
#
_symmetry.space_group_name_H-M   'C 1 2 1'
#
loop_
_entity.id
_entity.type
_entity.pdbx_description
1 polymer 'Sialidase A'
2 water water
#
_entity_poly.entity_id   1
_entity_poly.type   'polypeptide(L)'
_entity_poly.pdbx_seq_one_letter_code
;LPEGAALTEKTDIFESGRNGKPNKDGIKSYRIPALLKTDKGTLIAGADERRLHSSDWGDIG(MSE)VIRRSEDNGKTWGD
RVTITNLRDNPKASDPSIGSPVNID(MSE)VLVQDPETKRIFSIYD(MSE)FPEGKGIFG(MSE)SSQKEEAYKKIDGKT
YQILYREGEKGAYTIRENGTVYTPDGKATDYRVVVDPVKPAYSDKGDLYKGNQLLGNIYFTTNKTSPFRIAKDSYLW
(MSE)SYSDDDGKTWSAPQDITP(MSE)VKADW(MSE)KFLGVGPGTGIVLRNGPHKGRILIPVYTTNNVSHLNGSQSSR
IIYSDDHGKTWHAGEAVNDNRQVDGQKIHSST(MSE)NNRRAQNTESTVVQLNNGDVKLF(MSE)RGLTGDLQVATSKDG
GVTWEKDIKRYPQVKDVYVQ(MSE)SAIHT(MSE)HEGKEYIILSNAGGPKRENG(MSE)VHLARVEENGELTWLKHNPI
QKGEFAYNSLQELGNGEYGILYEHTEKGQNAYTLSFRKFNWDFLSKDL
;
_entity_poly.pdbx_strand_id   A,B
#
# COMPACT_ATOMS: atom_id res chain seq x y z
N GLY A 4 -6.21 23.03 50.59
CA GLY A 4 -5.56 21.73 50.24
C GLY A 4 -6.18 21.09 49.02
N ALA A 5 -6.65 19.85 49.17
CA ALA A 5 -7.27 19.12 48.06
C ALA A 5 -8.39 19.94 47.45
N ALA A 6 -8.33 20.11 46.13
CA ALA A 6 -9.35 20.89 45.44
C ALA A 6 -9.76 20.29 44.10
N LEU A 7 -11.07 20.19 43.92
CA LEU A 7 -11.69 19.68 42.69
C LEU A 7 -12.94 20.51 42.48
N THR A 8 -12.96 21.31 41.42
CA THR A 8 -14.12 22.16 41.15
C THR A 8 -15.36 21.35 40.76
N GLU A 9 -16.51 21.99 40.88
CA GLU A 9 -17.77 21.36 40.50
C GLU A 9 -17.73 21.29 38.98
N LYS A 10 -18.45 20.35 38.39
CA LYS A 10 -18.42 20.25 36.94
C LYS A 10 -19.18 21.39 36.28
N THR A 11 -18.63 21.88 35.19
CA THR A 11 -19.24 22.95 34.42
C THR A 11 -19.49 22.38 33.03
N ASP A 12 -20.71 22.53 32.52
CA ASP A 12 -21.04 21.99 31.22
C ASP A 12 -20.65 22.94 30.09
N ILE A 13 -19.79 22.46 29.19
CA ILE A 13 -19.30 23.24 28.07
C ILE A 13 -20.11 23.03 26.81
N PHE A 14 -20.42 21.76 26.51
CA PHE A 14 -21.22 21.42 25.34
C PHE A 14 -22.35 20.56 25.89
N GLU A 15 -23.57 21.09 25.83
CA GLU A 15 -24.73 20.41 26.38
C GLU A 15 -25.56 19.63 25.37
N SER A 16 -25.77 18.35 25.65
CA SER A 16 -26.57 17.51 24.76
C SER A 16 -28.04 17.66 25.15
N GLY A 17 -28.92 17.16 24.28
CA GLY A 17 -30.34 17.22 24.59
C GLY A 17 -30.62 16.09 25.55
N ARG A 18 -31.88 15.79 25.80
CA ARG A 18 -32.23 14.70 26.70
C ARG A 18 -33.37 13.87 26.14
N ASN A 19 -33.46 12.62 26.60
CA ASN A 19 -34.51 11.69 26.18
C ASN A 19 -34.61 11.56 24.66
N GLY A 20 -33.47 11.68 23.98
CA GLY A 20 -33.44 11.57 22.53
C GLY A 20 -33.87 12.83 21.79
N LYS A 21 -34.18 13.88 22.53
CA LYS A 21 -34.61 15.14 21.93
C LYS A 21 -33.43 16.08 21.66
N PRO A 22 -33.59 17.04 20.74
CA PRO A 22 -32.50 17.98 20.45
C PRO A 22 -32.37 18.95 21.61
N ASN A 23 -31.20 19.57 21.77
CA ASN A 23 -31.02 20.52 22.86
C ASN A 23 -31.57 21.89 22.43
N LYS A 24 -31.26 22.93 23.20
CA LYS A 24 -31.75 24.28 22.90
C LYS A 24 -31.35 24.81 21.53
N ASP A 25 -30.27 24.28 20.96
CA ASP A 25 -29.81 24.73 19.65
C ASP A 25 -30.18 23.76 18.54
N GLY A 26 -31.05 22.80 18.85
CA GLY A 26 -31.47 21.82 17.87
C GLY A 26 -30.45 20.71 17.67
N ILE A 27 -29.51 20.58 18.61
CA ILE A 27 -28.46 19.57 18.53
C ILE A 27 -28.70 18.46 19.56
N LYS A 28 -28.73 17.21 19.11
CA LYS A 28 -28.98 16.11 20.03
C LYS A 28 -27.78 15.69 20.85
N SER A 29 -26.61 15.69 20.23
CA SER A 29 -25.42 15.18 20.89
C SER A 29 -24.10 15.92 20.69
N TYR A 30 -23.22 15.76 21.67
CA TYR A 30 -21.87 16.28 21.63
C TYR A 30 -20.99 15.12 22.05
N ARG A 31 -19.83 14.98 21.43
CA ARG A 31 -18.92 13.90 21.80
C ARG A 31 -17.50 14.25 21.42
N ILE A 32 -16.56 13.47 21.93
CA ILE A 32 -15.14 13.60 21.60
C ILE A 32 -14.48 14.91 22.00
N PRO A 33 -14.27 15.12 23.30
CA PRO A 33 -13.63 16.33 23.81
C PRO A 33 -12.13 16.44 23.51
N ALA A 34 -11.68 17.69 23.33
CA ALA A 34 -10.28 18.00 23.09
C ALA A 34 -10.06 19.28 23.89
N LEU A 35 -9.05 19.31 24.75
CA LEU A 35 -8.79 20.49 25.56
C LEU A 35 -7.36 21.00 25.33
N LEU A 36 -7.23 22.28 25.03
CA LEU A 36 -5.92 22.86 24.78
C LEU A 36 -5.67 24.19 25.49
N LYS A 37 -4.55 24.27 26.20
CA LYS A 37 -4.15 25.49 26.89
C LYS A 37 -3.14 26.13 25.94
N THR A 38 -3.48 27.30 25.40
CA THR A 38 -2.59 27.98 24.46
C THR A 38 -1.53 28.83 25.13
N ASP A 39 -0.59 29.32 24.33
CA ASP A 39 0.50 30.15 24.84
C ASP A 39 -0.02 31.40 25.53
N LYS A 40 -1.21 31.86 25.14
CA LYS A 40 -1.81 33.04 25.74
C LYS A 40 -2.55 32.74 27.03
N GLY A 41 -2.62 31.45 27.36
CA GLY A 41 -3.31 31.04 28.58
C GLY A 41 -4.76 30.69 28.33
N THR A 42 -5.19 30.87 27.09
CA THR A 42 -6.57 30.57 26.70
C THR A 42 -6.82 29.06 26.74
N LEU A 43 -8.04 28.69 27.09
CA LEU A 43 -8.40 27.27 27.08
C LEU A 43 -9.33 27.07 25.89
N ILE A 44 -8.98 26.14 25.02
CA ILE A 44 -9.81 25.86 23.86
C ILE A 44 -10.42 24.49 24.07
N ALA A 45 -11.74 24.42 24.08
CA ALA A 45 -12.44 23.16 24.26
C ALA A 45 -13.08 22.78 22.93
N GLY A 46 -12.63 21.66 22.35
CA GLY A 46 -13.17 21.21 21.09
C GLY A 46 -14.09 20.02 21.24
N ALA A 47 -14.96 19.80 20.25
CA ALA A 47 -15.89 18.68 20.29
C ALA A 47 -16.56 18.43 18.95
N ASP A 48 -17.18 17.26 18.85
CA ASP A 48 -17.96 16.84 17.70
C ASP A 48 -19.34 17.41 18.00
N GLU A 49 -19.92 18.19 17.10
CA GLU A 49 -21.26 18.71 17.31
C GLU A 49 -22.15 17.79 16.47
N ARG A 50 -22.71 16.77 17.11
CA ARG A 50 -23.54 15.77 16.44
C ARG A 50 -25.03 16.10 16.52
N ARG A 51 -25.51 16.77 15.49
CA ARG A 51 -26.89 17.23 15.46
C ARG A 51 -28.03 16.23 15.45
N LEU A 52 -27.95 15.20 14.61
CA LEU A 52 -29.04 14.24 14.45
C LEU A 52 -29.15 13.04 15.40
N HIS A 53 -28.03 12.66 15.99
CA HIS A 53 -28.00 11.52 16.91
C HIS A 53 -26.58 11.40 17.45
N SER A 54 -26.35 10.43 18.32
CA SER A 54 -25.03 10.27 18.94
C SER A 54 -24.04 9.38 18.20
N SER A 55 -24.46 8.77 17.09
CA SER A 55 -23.58 7.87 16.36
C SER A 55 -22.43 8.52 15.61
N ASP A 56 -21.43 7.72 15.28
CA ASP A 56 -20.23 8.19 14.58
C ASP A 56 -20.42 8.52 13.10
N TRP A 57 -21.49 9.25 12.79
CA TRP A 57 -21.78 9.65 11.43
C TRP A 57 -22.92 10.68 11.42
N GLY A 58 -23.37 11.07 10.23
CA GLY A 58 -24.42 12.05 10.13
C GLY A 58 -23.91 13.47 10.00
N ASP A 59 -24.71 14.44 10.42
CA ASP A 59 -24.35 15.85 10.36
C ASP A 59 -23.52 16.20 11.59
N ILE A 60 -22.20 16.28 11.41
CA ILE A 60 -21.31 16.57 12.54
C ILE A 60 -20.34 17.70 12.24
N GLY A 61 -20.34 18.70 13.11
CA GLY A 61 -19.43 19.82 12.91
C GLY A 61 -18.29 19.83 13.91
N VAL A 63 -16.37 21.92 16.32
CA VAL A 63 -16.58 23.18 17.01
C VAL A 63 -15.71 23.34 18.25
N ILE A 64 -15.48 24.59 18.65
CA ILE A 64 -14.69 24.87 19.84
C ILE A 64 -15.30 26.05 20.59
N ARG A 65 -14.90 26.19 21.85
CA ARG A 65 -15.33 27.30 22.68
C ARG A 65 -14.05 27.76 23.36
N ARG A 66 -13.91 29.06 23.55
CA ARG A 66 -12.71 29.63 24.17
C ARG A 66 -12.97 30.23 25.55
N SER A 67 -12.08 29.93 26.49
CA SER A 67 -12.17 30.49 27.83
C SER A 67 -10.91 31.31 28.06
N GLU A 68 -11.09 32.57 28.42
CA GLU A 68 -9.95 33.44 28.68
C GLU A 68 -9.67 33.63 30.17
N ASP A 69 -10.45 32.97 31.01
CA ASP A 69 -10.27 33.08 32.46
C ASP A 69 -10.02 31.72 33.12
N ASN A 70 -9.23 30.90 32.46
CA ASN A 70 -8.85 29.57 32.95
C ASN A 70 -10.00 28.61 33.23
N GLY A 71 -11.04 28.66 32.40
CA GLY A 71 -12.15 27.75 32.57
C GLY A 71 -13.37 28.25 33.31
N LYS A 72 -13.33 29.47 33.83
CA LYS A 72 -14.48 30.00 34.55
C LYS A 72 -15.66 30.30 33.63
N THR A 73 -15.38 31.00 32.54
CA THR A 73 -16.42 31.34 31.58
C THR A 73 -15.93 30.98 30.18
N TRP A 74 -16.88 30.74 29.28
CA TRP A 74 -16.58 30.35 27.91
C TRP A 74 -17.35 31.18 26.90
N GLY A 75 -16.71 31.52 25.80
CA GLY A 75 -17.36 32.28 24.75
C GLY A 75 -18.33 31.42 23.96
N ASP A 76 -18.92 32.01 22.92
CA ASP A 76 -19.85 31.28 22.09
C ASP A 76 -19.11 30.28 21.21
N ARG A 77 -19.83 29.28 20.72
CA ARG A 77 -19.22 28.27 19.87
C ARG A 77 -18.65 28.85 18.60
N VAL A 78 -17.49 28.32 18.21
CA VAL A 78 -16.82 28.75 17.00
C VAL A 78 -16.77 27.49 16.13
N THR A 79 -17.36 27.54 14.94
CA THR A 79 -17.35 26.36 14.09
C THR A 79 -16.12 26.39 13.20
N ILE A 80 -15.34 25.32 13.26
CA ILE A 80 -14.13 25.21 12.46
C ILE A 80 -14.52 24.72 11.08
N THR A 81 -15.31 23.64 11.05
CA THR A 81 -15.75 23.04 9.80
C THR A 81 -17.07 22.32 9.97
N ASN A 82 -17.97 22.53 9.01
CA ASN A 82 -19.25 21.82 9.03
C ASN A 82 -19.78 21.71 7.61
N LEU A 83 -19.52 20.57 6.98
CA LEU A 83 -19.97 20.32 5.61
C LEU A 83 -21.49 20.24 5.53
N ARG A 84 -22.06 20.70 4.43
CA ARG A 84 -23.51 20.68 4.28
C ARG A 84 -24.03 19.29 3.98
N ASP A 85 -25.28 19.05 4.37
CA ASP A 85 -25.93 17.76 4.16
C ASP A 85 -26.29 17.56 2.70
N ASN A 86 -26.51 16.30 2.31
CA ASN A 86 -26.97 16.01 0.96
C ASN A 86 -28.48 16.18 1.14
N PRO A 87 -29.05 17.28 0.63
CA PRO A 87 -30.48 17.54 0.76
C PRO A 87 -31.42 16.51 0.15
N LYS A 88 -30.88 15.61 -0.68
CA LYS A 88 -31.69 14.59 -1.35
C LYS A 88 -31.48 13.17 -0.84
N ALA A 89 -30.63 13.00 0.18
CA ALA A 89 -30.38 11.68 0.72
C ALA A 89 -31.69 11.07 1.21
N SER A 90 -31.89 9.78 0.95
CA SER A 90 -33.11 9.13 1.37
C SER A 90 -33.21 8.98 2.90
N ASP A 91 -32.06 8.80 3.55
CA ASP A 91 -32.02 8.67 5.01
C ASP A 91 -31.10 9.75 5.57
N PRO A 92 -31.67 10.86 6.04
CA PRO A 92 -30.86 11.95 6.59
C PRO A 92 -29.91 11.55 7.71
N SER A 93 -30.24 10.50 8.47
CA SER A 93 -29.40 10.08 9.58
C SER A 93 -28.00 9.68 9.12
N ILE A 94 -27.88 9.29 7.85
CA ILE A 94 -26.58 8.93 7.28
C ILE A 94 -26.41 9.70 5.98
N GLY A 95 -27.14 10.81 5.87
CA GLY A 95 -27.10 11.58 4.64
C GLY A 95 -26.18 12.78 4.49
N SER A 96 -25.14 12.86 5.31
CA SER A 96 -24.22 13.99 5.20
C SER A 96 -22.75 13.61 5.17
N PRO A 97 -21.93 14.40 4.46
CA PRO A 97 -20.50 14.10 4.42
C PRO A 97 -20.17 14.29 5.91
N VAL A 98 -19.22 13.52 6.42
CA VAL A 98 -18.88 13.54 7.84
C VAL A 98 -17.50 14.01 8.26
N ASN A 99 -17.45 14.73 9.38
CA ASN A 99 -16.18 15.13 9.99
C ASN A 99 -16.36 14.60 11.39
N ILE A 100 -15.36 13.93 11.92
CA ILE A 100 -15.47 13.34 13.26
C ILE A 100 -14.11 13.14 13.90
N ASP A 101 -14.06 13.30 15.23
CA ASP A 101 -12.84 13.12 16.03
C ASP A 101 -11.72 14.11 15.74
N VAL A 103 -8.07 16.34 17.01
CA VAL A 103 -6.89 16.40 17.86
C VAL A 103 -6.45 17.86 17.76
N LEU A 104 -6.25 18.49 18.91
CA LEU A 104 -5.79 19.87 18.97
C LEU A 104 -4.34 19.90 19.43
N VAL A 105 -3.60 20.91 18.97
CA VAL A 105 -2.20 21.08 19.40
C VAL A 105 -1.70 22.42 18.88
N GLN A 106 -0.82 23.05 19.65
CA GLN A 106 -0.26 24.34 19.24
C GLN A 106 1.24 24.25 19.10
N ASP A 107 1.78 24.87 18.07
CA ASP A 107 3.23 24.90 17.86
C ASP A 107 3.70 26.01 18.79
N PRO A 108 4.61 25.69 19.73
CA PRO A 108 5.14 26.67 20.70
C PRO A 108 5.97 27.81 20.12
N GLU A 109 6.48 27.61 18.91
CA GLU A 109 7.31 28.62 18.25
C GLU A 109 6.49 29.57 17.37
N THR A 110 5.69 29.01 16.47
CA THR A 110 4.87 29.81 15.55
C THR A 110 3.54 30.24 16.17
N LYS A 111 3.15 29.54 17.24
CA LYS A 111 1.91 29.80 17.95
C LYS A 111 0.68 29.38 17.15
N ARG A 112 0.90 28.77 16.00
CA ARG A 112 -0.22 28.31 15.18
C ARG A 112 -0.91 27.14 15.90
N ILE A 113 -2.24 27.17 15.93
CA ILE A 113 -2.99 26.10 16.57
C ILE A 113 -3.60 25.21 15.49
N PHE A 114 -3.43 23.91 15.65
CA PHE A 114 -3.95 22.96 14.67
C PHE A 114 -5.10 22.11 15.20
N SER A 115 -6.02 21.82 14.30
CA SER A 115 -7.16 20.96 14.57
C SER A 115 -7.12 19.94 13.44
N ILE A 116 -6.80 18.69 13.77
CA ILE A 116 -6.74 17.64 12.75
C ILE A 116 -7.86 16.65 13.07
N TYR A 117 -8.67 16.32 12.06
CA TYR A 117 -9.82 15.45 12.28
C TYR A 117 -10.15 14.57 11.09
N ASP A 118 -11.02 13.58 11.30
CA ASP A 118 -11.40 12.65 10.23
C ASP A 118 -12.44 13.26 9.29
N PHE A 120 -15.18 11.83 6.04
CA PHE A 120 -15.76 10.77 5.23
C PHE A 120 -16.81 11.38 4.32
N PRO A 121 -16.89 10.91 3.06
CA PRO A 121 -17.91 11.48 2.19
C PRO A 121 -19.23 10.92 2.74
N GLU A 122 -20.36 11.39 2.20
CA GLU A 122 -21.68 10.96 2.65
C GLU A 122 -21.81 9.47 2.92
N GLY A 123 -22.31 9.14 4.11
CA GLY A 123 -22.49 7.73 4.47
C GLY A 123 -22.44 7.48 5.96
N LYS A 124 -22.27 6.21 6.32
CA LYS A 124 -22.22 5.79 7.71
C LYS A 124 -20.79 5.83 8.28
N GLY A 125 -19.98 6.75 7.77
CA GLY A 125 -18.61 6.91 8.23
C GLY A 125 -17.74 5.66 8.33
N ILE A 126 -17.03 5.53 9.46
CA ILE A 126 -16.15 4.39 9.71
C ILE A 126 -16.91 3.07 9.68
N PHE A 127 -18.21 3.13 9.95
CA PHE A 127 -19.05 1.95 9.94
C PHE A 127 -19.75 1.74 8.60
N GLY A 128 -19.24 2.38 7.55
CA GLY A 128 -19.83 2.24 6.23
C GLY A 128 -18.75 2.16 5.17
N SER A 130 -16.54 0.96 2.39
CA SER A 130 -16.72 0.06 1.26
C SER A 130 -15.80 -1.16 1.37
N SER A 131 -16.17 -2.23 0.67
CA SER A 131 -15.40 -3.46 0.68
C SER A 131 -14.23 -3.38 -0.28
N GLN A 132 -14.42 -2.64 -1.37
CA GLN A 132 -13.36 -2.49 -2.37
C GLN A 132 -12.76 -1.09 -2.35
N LYS A 133 -11.43 -1.04 -2.47
CA LYS A 133 -10.71 0.22 -2.46
C LYS A 133 -11.00 1.07 -3.70
N GLU A 134 -11.07 2.37 -3.48
CA GLU A 134 -11.28 3.32 -4.57
C GLU A 134 -10.11 4.29 -4.46
N GLU A 135 -9.29 4.38 -5.52
CA GLU A 135 -8.16 5.29 -5.49
C GLU A 135 -8.69 6.69 -5.24
N ALA A 136 -8.06 7.42 -4.32
CA ALA A 136 -8.52 8.76 -4.00
C ALA A 136 -7.69 9.87 -4.64
N TYR A 137 -6.45 9.58 -4.99
CA TYR A 137 -5.56 10.57 -5.60
C TYR A 137 -4.82 10.03 -6.80
N LYS A 138 -4.38 10.95 -7.66
CA LYS A 138 -3.62 10.59 -8.84
C LYS A 138 -2.50 11.60 -9.00
N LYS A 139 -1.27 11.11 -9.15
CA LYS A 139 -0.13 12.00 -9.33
C LYS A 139 0.05 12.29 -10.81
N ILE A 140 0.26 13.56 -11.14
CA ILE A 140 0.46 13.98 -12.52
C ILE A 140 1.51 15.09 -12.54
N ASP A 141 2.65 14.80 -13.14
CA ASP A 141 3.74 15.76 -13.24
C ASP A 141 4.20 16.20 -11.86
N GLY A 142 4.44 15.22 -10.99
CA GLY A 142 4.89 15.53 -9.64
C GLY A 142 3.84 16.25 -8.82
N LYS A 143 2.62 16.30 -9.34
CA LYS A 143 1.52 16.96 -8.65
C LYS A 143 0.45 15.95 -8.28
N THR A 144 -0.01 15.99 -7.03
CA THR A 144 -1.03 15.08 -6.56
C THR A 144 -2.38 15.77 -6.65
N TYR A 145 -3.34 15.15 -7.32
CA TYR A 145 -4.68 15.71 -7.46
C TYR A 145 -5.70 14.73 -6.90
N GLN A 146 -6.78 15.26 -6.33
CA GLN A 146 -7.81 14.39 -5.81
C GLN A 146 -8.65 13.92 -7.00
N ILE A 147 -9.05 12.66 -6.95
CA ILE A 147 -9.84 12.03 -8.01
C ILE A 147 -11.34 12.21 -7.86
N LEU A 148 -12.03 12.24 -9.00
CA LEU A 148 -13.49 12.33 -9.02
C LEU A 148 -13.97 11.20 -9.93
N TYR A 149 -15.03 10.52 -9.51
CA TYR A 149 -15.60 9.43 -10.27
C TYR A 149 -16.93 9.83 -10.87
N ARG A 150 -17.20 9.34 -12.07
CA ARG A 150 -18.44 9.63 -12.78
C ARG A 150 -19.08 8.32 -13.20
N GLU A 151 -20.34 8.14 -12.81
CA GLU A 151 -21.08 6.93 -13.15
C GLU A 151 -21.06 6.67 -14.65
N GLY A 152 -20.76 5.44 -15.03
CA GLY A 152 -20.71 5.09 -16.43
C GLY A 152 -19.34 5.21 -17.05
N GLU A 153 -18.38 5.73 -16.28
CA GLU A 153 -17.02 5.88 -16.76
C GLU A 153 -16.04 5.27 -15.77
N LYS A 154 -15.03 4.59 -16.29
CA LYS A 154 -14.03 3.95 -15.44
C LYS A 154 -12.90 4.90 -15.10
N GLY A 155 -12.57 5.78 -16.03
CA GLY A 155 -11.49 6.73 -15.85
C GLY A 155 -11.61 7.67 -14.67
N ALA A 156 -10.47 8.11 -14.17
CA ALA A 156 -10.44 9.01 -13.03
C ALA A 156 -10.34 10.47 -13.45
N TYR A 157 -11.34 11.27 -13.08
CA TYR A 157 -11.30 12.70 -13.38
C TYR A 157 -10.46 13.27 -12.25
N THR A 158 -9.94 14.49 -12.43
CA THR A 158 -9.14 15.10 -11.38
C THR A 158 -9.53 16.55 -11.13
N ILE A 159 -9.29 16.99 -9.91
CA ILE A 159 -9.57 18.37 -9.50
C ILE A 159 -8.23 19.07 -9.53
N ARG A 160 -8.07 20.04 -10.44
CA ARG A 160 -6.80 20.73 -10.53
C ARG A 160 -6.86 22.19 -10.11
N GLU A 161 -5.95 23.00 -10.64
CA GLU A 161 -5.89 24.41 -10.28
C GLU A 161 -7.26 25.11 -10.39
N ASN A 162 -7.55 25.93 -9.39
CA ASN A 162 -8.80 26.68 -9.33
C ASN A 162 -10.01 25.76 -9.18
N GLY A 163 -9.77 24.49 -8.91
CA GLY A 163 -10.86 23.54 -8.75
C GLY A 163 -11.43 23.02 -10.05
N THR A 164 -10.81 23.39 -11.16
CA THR A 164 -11.27 22.95 -12.48
C THR A 164 -11.19 21.44 -12.61
N VAL A 165 -12.28 20.82 -13.03
CA VAL A 165 -12.32 19.38 -13.20
C VAL A 165 -11.77 18.99 -14.57
N TYR A 166 -10.82 18.06 -14.57
CA TYR A 166 -10.21 17.59 -15.81
C TYR A 166 -10.63 16.16 -16.11
N THR A 167 -10.82 15.86 -17.39
CA THR A 167 -11.23 14.53 -17.82
C THR A 167 -10.08 13.55 -17.56
N PRO A 168 -10.36 12.24 -17.61
CA PRO A 168 -9.29 11.26 -17.38
C PRO A 168 -8.17 11.44 -18.41
N ASP A 169 -8.53 11.91 -19.60
CA ASP A 169 -7.53 12.12 -20.66
C ASP A 169 -6.79 13.45 -20.50
N GLY A 170 -7.02 14.13 -19.38
CA GLY A 170 -6.33 15.38 -19.11
C GLY A 170 -6.80 16.66 -19.76
N LYS A 171 -8.09 16.76 -20.07
CA LYS A 171 -8.63 17.97 -20.69
C LYS A 171 -9.59 18.69 -19.76
N ALA A 172 -9.46 20.02 -19.70
CA ALA A 172 -10.30 20.83 -18.84
C ALA A 172 -11.77 20.73 -19.26
N THR A 173 -12.65 20.68 -18.27
CA THR A 173 -14.09 20.61 -18.52
C THR A 173 -14.71 21.92 -18.05
N ASP A 174 -16.02 22.05 -18.18
CA ASP A 174 -16.68 23.26 -17.73
C ASP A 174 -17.17 23.07 -16.29
N TYR A 175 -16.75 21.99 -15.66
CA TYR A 175 -17.12 21.71 -14.27
C TYR A 175 -16.04 22.22 -13.34
N ARG A 176 -16.42 22.61 -12.13
CA ARG A 176 -15.45 23.11 -11.16
C ARG A 176 -15.90 22.81 -9.74
N VAL A 177 -14.92 22.59 -8.87
CA VAL A 177 -15.17 22.29 -7.46
C VAL A 177 -14.77 23.48 -6.60
N VAL A 178 -15.56 23.77 -5.58
CA VAL A 178 -15.21 24.85 -4.67
C VAL A 178 -14.09 24.29 -3.80
N VAL A 179 -12.86 24.65 -4.14
CA VAL A 179 -11.69 24.20 -3.38
C VAL A 179 -11.22 25.28 -2.41
N ASP A 180 -11.79 26.48 -2.55
CA ASP A 180 -11.49 27.60 -1.68
C ASP A 180 -12.84 28.11 -1.16
N PRO A 181 -13.46 27.35 -0.24
CA PRO A 181 -14.77 27.67 0.36
C PRO A 181 -14.76 29.00 1.09
N VAL A 182 -15.89 29.71 1.02
CA VAL A 182 -16.00 31.01 1.65
C VAL A 182 -17.19 31.20 2.58
N LYS A 183 -18.10 30.22 2.61
CA LYS A 183 -19.27 30.33 3.47
C LYS A 183 -18.90 30.02 4.91
N PRO A 184 -19.73 30.46 5.86
CA PRO A 184 -19.47 30.19 7.27
C PRO A 184 -19.34 28.68 7.45
N ALA A 185 -18.36 28.24 8.25
CA ALA A 185 -18.10 26.82 8.51
C ALA A 185 -17.62 26.09 7.26
N TYR A 186 -17.37 26.85 6.19
CA TYR A 186 -16.92 26.30 4.91
C TYR A 186 -17.87 25.20 4.43
N SER A 187 -19.18 25.45 4.61
CA SER A 187 -20.22 24.51 4.23
C SER A 187 -20.32 24.37 2.71
N ASP A 188 -19.61 25.22 1.99
CA ASP A 188 -19.65 25.16 0.53
C ASP A 188 -18.50 24.35 -0.04
N LYS A 189 -17.62 23.85 0.83
CA LYS A 189 -16.49 23.08 0.35
C LYS A 189 -16.98 21.84 -0.40
N GLY A 190 -16.43 21.62 -1.58
CA GLY A 190 -16.83 20.45 -2.36
C GLY A 190 -17.96 20.70 -3.33
N ASP A 191 -18.59 21.87 -3.26
CA ASP A 191 -19.69 22.16 -4.18
C ASP A 191 -19.22 22.02 -5.62
N LEU A 192 -20.06 21.35 -6.41
CA LEU A 192 -19.76 21.08 -7.80
C LEU A 192 -20.58 21.98 -8.71
N TYR A 193 -19.87 22.76 -9.53
CA TYR A 193 -20.51 23.68 -10.46
C TYR A 193 -20.24 23.31 -11.90
N LYS A 194 -21.16 23.71 -12.77
CA LYS A 194 -21.01 23.52 -14.21
C LYS A 194 -21.22 24.96 -14.65
N GLY A 195 -20.12 25.65 -14.96
CA GLY A 195 -20.23 27.04 -15.34
C GLY A 195 -20.52 27.78 -14.05
N ASN A 196 -21.55 28.61 -14.04
CA ASN A 196 -21.92 29.36 -12.84
C ASN A 196 -23.12 28.70 -12.15
N GLN A 197 -23.44 27.48 -12.57
CA GLN A 197 -24.58 26.75 -12.04
C GLN A 197 -24.18 25.72 -10.98
N LEU A 198 -24.73 25.86 -9.78
CA LEU A 198 -24.45 24.90 -8.71
C LEU A 198 -25.25 23.64 -9.01
N LEU A 199 -24.55 22.51 -9.18
CA LEU A 199 -25.20 21.23 -9.48
C LEU A 199 -25.30 20.25 -8.31
N GLY A 200 -24.29 20.24 -7.45
CA GLY A 200 -24.29 19.34 -6.33
C GLY A 200 -23.03 19.47 -5.50
N ASN A 201 -22.51 18.35 -5.00
CA ASN A 201 -21.32 18.38 -4.17
C ASN A 201 -20.54 17.07 -4.36
N ILE A 202 -19.22 17.15 -4.48
CA ILE A 202 -18.42 15.96 -4.69
C ILE A 202 -18.35 15.01 -3.50
N TYR A 203 -18.87 15.44 -2.35
CA TYR A 203 -18.86 14.62 -1.15
C TYR A 203 -20.17 13.84 -1.00
N PHE A 204 -21.13 14.12 -1.88
CA PHE A 204 -22.42 13.41 -1.85
C PHE A 204 -22.22 12.08 -2.54
N THR A 205 -22.81 11.03 -1.99
CA THR A 205 -22.66 9.69 -2.55
C THR A 205 -23.94 9.00 -2.99
N THR A 206 -25.09 9.58 -2.65
CA THR A 206 -26.36 8.99 -3.04
C THR A 206 -27.27 10.04 -3.64
N ASN A 207 -28.28 9.60 -4.39
CA ASN A 207 -29.25 10.51 -5.01
C ASN A 207 -28.58 11.79 -5.50
N LYS A 208 -27.44 11.65 -6.17
CA LYS A 208 -26.68 12.79 -6.66
C LYS A 208 -27.35 13.60 -7.77
N THR A 209 -27.09 14.90 -7.74
CA THR A 209 -27.62 15.82 -8.74
C THR A 209 -26.50 16.28 -9.67
N SER A 210 -25.26 15.93 -9.33
CA SER A 210 -24.11 16.25 -10.16
C SER A 210 -23.48 14.92 -10.59
N PRO A 211 -22.61 14.95 -11.61
CA PRO A 211 -21.98 13.72 -12.09
C PRO A 211 -20.77 13.19 -11.34
N PHE A 212 -20.21 13.99 -10.43
CA PHE A 212 -18.98 13.61 -9.75
C PHE A 212 -18.93 13.42 -8.24
N ARG A 213 -18.11 12.47 -7.81
CA ARG A 213 -17.92 12.21 -6.38
C ARG A 213 -16.48 11.75 -6.13
N ILE A 214 -15.98 12.03 -4.92
CA ILE A 214 -14.63 11.60 -4.58
C ILE A 214 -14.68 10.12 -4.22
N ALA A 215 -13.52 9.55 -3.95
CA ALA A 215 -13.44 8.14 -3.57
C ALA A 215 -14.12 7.93 -2.21
N LYS A 216 -14.87 6.83 -2.08
CA LYS A 216 -15.52 6.54 -0.81
C LYS A 216 -14.46 5.92 0.11
N ASP A 217 -13.67 6.78 0.74
CA ASP A 217 -12.60 6.32 1.61
C ASP A 217 -12.57 7.07 2.93
N SER A 218 -11.45 6.94 3.64
CA SER A 218 -11.25 7.58 4.94
C SER A 218 -10.22 8.69 4.74
N TYR A 219 -10.53 9.90 5.21
CA TYR A 219 -9.62 11.02 5.04
C TYR A 219 -9.23 11.73 6.34
N LEU A 220 -8.16 12.51 6.26
CA LEU A 220 -7.67 13.29 7.40
C LEU A 220 -7.60 14.75 6.95
N TRP A 221 -8.31 15.62 7.65
CA TRP A 221 -8.30 17.04 7.30
C TRP A 221 -7.65 17.86 8.40
N SER A 223 -7.19 22.03 9.91
CA SER A 223 -7.57 23.44 9.91
C SER A 223 -6.65 24.09 10.95
N TYR A 224 -6.28 25.35 10.74
CA TYR A 224 -5.41 26.00 11.71
C TYR A 224 -5.84 27.43 12.02
N SER A 225 -5.38 27.91 13.17
CA SER A 225 -5.71 29.25 13.62
C SER A 225 -4.45 29.97 14.07
N ASP A 226 -4.30 31.23 13.63
CA ASP A 226 -3.16 32.05 14.00
C ASP A 226 -3.62 33.19 14.90
N ASP A 227 -4.87 33.13 15.35
CA ASP A 227 -5.38 34.16 16.23
C ASP A 227 -5.98 33.57 17.50
N ASP A 228 -5.27 32.62 18.07
CA ASP A 228 -5.66 31.99 19.32
C ASP A 228 -7.01 31.29 19.30
N GLY A 229 -7.38 30.74 18.14
CA GLY A 229 -8.63 30.00 18.03
C GLY A 229 -9.89 30.73 17.60
N LYS A 230 -9.79 32.03 17.35
CA LYS A 230 -10.96 32.80 16.94
C LYS A 230 -11.41 32.50 15.52
N THR A 231 -10.47 32.43 14.59
CA THR A 231 -10.80 32.14 13.20
C THR A 231 -9.93 31.01 12.69
N TRP A 232 -10.48 30.23 11.77
CA TRP A 232 -9.80 29.07 11.22
C TRP A 232 -9.71 29.08 9.71
N SER A 233 -8.63 28.49 9.21
CA SER A 233 -8.39 28.39 7.78
C SER A 233 -9.36 27.37 7.20
N ALA A 234 -9.49 27.38 5.88
CA ALA A 234 -10.34 26.40 5.22
C ALA A 234 -9.63 25.08 5.41
N PRO A 235 -10.37 23.96 5.47
CA PRO A 235 -9.76 22.64 5.67
C PRO A 235 -8.73 22.26 4.61
N GLN A 236 -7.63 21.67 5.05
CA GLN A 236 -6.61 21.18 4.13
C GLN A 236 -6.64 19.67 4.23
N ASP A 237 -6.63 18.99 3.09
CA ASP A 237 -6.65 17.54 3.05
C ASP A 237 -5.22 17.03 3.14
N ILE A 238 -4.83 16.51 4.31
CA ILE A 238 -3.47 16.01 4.50
C ILE A 238 -3.34 14.51 4.26
N THR A 239 -4.46 13.86 3.95
CA THR A 239 -4.48 12.42 3.72
C THR A 239 -3.36 11.88 2.82
N PRO A 240 -3.15 12.50 1.65
CA PRO A 240 -2.10 12.04 0.75
C PRO A 240 -0.69 12.01 1.30
N VAL A 242 0.11 11.16 4.46
CA VAL A 242 0.26 10.16 5.50
C VAL A 242 -0.44 8.82 5.33
N LYS A 243 -1.37 8.71 4.39
CA LYS A 243 -2.09 7.44 4.22
C LYS A 243 -1.48 6.51 3.19
N ALA A 244 -1.00 5.37 3.67
CA ALA A 244 -0.40 4.36 2.81
C ALA A 244 -1.48 3.72 1.94
N ASP A 245 -1.06 3.11 0.84
CA ASP A 245 -2.01 2.49 -0.07
C ASP A 245 -2.78 1.29 0.50
N TRP A 246 -2.21 0.63 1.50
CA TRP A 246 -2.88 -0.53 2.10
C TRP A 246 -3.89 -0.15 3.17
N LYS A 248 -7.01 1.09 5.18
CA LYS A 248 -8.42 1.22 4.89
C LYS A 248 -8.78 2.46 5.70
N PHE A 249 -9.06 2.29 6.98
CA PHE A 249 -9.36 3.44 7.83
C PHE A 249 -8.07 4.06 8.37
N LEU A 250 -8.03 5.38 8.42
CA LEU A 250 -6.90 6.12 9.01
C LEU A 250 -7.56 7.29 9.69
N GLY A 251 -7.58 7.27 11.01
CA GLY A 251 -8.21 8.35 11.75
C GLY A 251 -7.43 8.72 12.99
N VAL A 252 -7.76 9.85 13.59
CA VAL A 252 -7.03 10.29 14.76
C VAL A 252 -7.47 9.61 16.05
N GLY A 253 -6.59 9.66 17.04
CA GLY A 253 -6.90 9.18 18.38
C GLY A 253 -7.23 10.53 18.97
N PRO A 254 -8.51 10.89 19.06
CA PRO A 254 -8.95 12.19 19.59
C PRO A 254 -8.42 12.66 20.93
N GLY A 255 -8.28 13.98 21.04
CA GLY A 255 -7.78 14.58 22.25
C GLY A 255 -6.79 15.68 21.89
N THR A 256 -5.72 15.76 22.65
CA THR A 256 -4.73 16.80 22.45
C THR A 256 -3.34 16.24 22.21
N GLY A 257 -2.77 16.60 21.06
CA GLY A 257 -1.43 16.15 20.70
C GLY A 257 -0.36 16.91 21.45
N ILE A 258 0.90 16.65 21.12
CA ILE A 258 2.01 17.32 21.78
C ILE A 258 3.09 17.73 20.81
N VAL A 259 4.03 18.52 21.32
CA VAL A 259 5.19 18.95 20.55
C VAL A 259 6.34 18.51 21.44
N LEU A 260 7.28 17.77 20.88
CA LEU A 260 8.41 17.28 21.67
C LEU A 260 9.19 18.45 22.26
N ARG A 261 9.49 18.35 23.56
CA ARG A 261 10.19 19.37 24.31
C ARG A 261 11.71 19.23 24.33
N ASN A 262 12.19 18.02 24.10
CA ASN A 262 13.63 17.78 24.16
C ASN A 262 14.07 16.66 23.24
N GLY A 263 15.38 16.41 23.23
CA GLY A 263 15.92 15.35 22.40
C GLY A 263 16.18 15.75 20.97
N PRO A 264 16.73 14.84 20.15
CA PRO A 264 17.05 15.07 18.75
C PRO A 264 15.88 15.52 17.90
N HIS A 265 14.66 15.22 18.35
CA HIS A 265 13.46 15.58 17.60
C HIS A 265 12.62 16.68 18.24
N LYS A 266 13.26 17.48 19.08
CA LYS A 266 12.57 18.59 19.75
C LYS A 266 11.86 19.43 18.67
N GLY A 267 10.64 19.87 18.97
CA GLY A 267 9.91 20.68 18.01
C GLY A 267 8.94 19.89 17.16
N ARG A 268 9.12 18.56 17.14
CA ARG A 268 8.24 17.71 16.34
C ARG A 268 6.83 17.67 16.93
N ILE A 269 5.84 17.85 16.06
CA ILE A 269 4.44 17.82 16.48
C ILE A 269 3.97 16.38 16.30
N LEU A 270 3.42 15.78 17.35
CA LEU A 270 2.93 14.41 17.28
C LEU A 270 1.41 14.35 17.39
N ILE A 271 0.79 13.59 16.49
CA ILE A 271 -0.65 13.44 16.47
C ILE A 271 -1.00 11.95 16.53
N PRO A 272 -1.70 11.52 17.59
CA PRO A 272 -2.08 10.09 17.66
C PRO A 272 -3.06 9.74 16.55
N VAL A 273 -2.88 8.58 15.92
CA VAL A 273 -3.80 8.11 14.88
C VAL A 273 -3.86 6.59 14.95
N TYR A 274 -4.78 5.99 14.21
CA TYR A 274 -4.85 4.54 14.16
C TYR A 274 -5.45 4.12 12.83
N THR A 275 -5.16 2.90 12.42
CA THR A 275 -5.60 2.40 11.14
C THR A 275 -6.24 1.03 11.21
N THR A 276 -6.84 0.62 10.10
CA THR A 276 -7.38 -0.73 9.96
C THR A 276 -6.84 -1.14 8.59
N ASN A 277 -6.82 -2.44 8.33
CA ASN A 277 -6.36 -2.94 7.04
C ASN A 277 -7.53 -3.62 6.32
N ASN A 278 -7.31 -4.07 5.10
CA ASN A 278 -8.36 -4.69 4.30
C ASN A 278 -8.56 -6.16 4.61
N VAL A 279 -7.68 -6.72 5.41
CA VAL A 279 -7.75 -8.13 5.79
C VAL A 279 -8.80 -8.39 6.87
N SER A 280 -8.71 -7.66 7.98
CA SER A 280 -9.65 -7.85 9.09
C SER A 280 -10.37 -6.57 9.53
N HIS A 281 -9.98 -5.43 8.95
CA HIS A 281 -10.61 -4.15 9.24
C HIS A 281 -10.85 -3.90 10.74
N LEU A 282 -12.08 -3.62 11.13
CA LEU A 282 -12.41 -3.33 12.52
C LEU A 282 -12.45 -4.55 13.45
N ASN A 283 -12.41 -5.75 12.90
CA ASN A 283 -12.46 -6.95 13.72
C ASN A 283 -11.13 -7.35 14.33
N GLY A 284 -10.03 -7.14 13.62
CA GLY A 284 -8.76 -7.53 14.17
C GLY A 284 -7.52 -6.78 13.70
N SER A 285 -7.68 -5.54 13.24
CA SER A 285 -6.49 -4.82 12.77
C SER A 285 -6.31 -3.39 13.27
N GLN A 286 -7.19 -2.91 14.15
CA GLN A 286 -7.03 -1.54 14.65
C GLN A 286 -5.65 -1.43 15.28
N SER A 287 -4.85 -0.50 14.78
CA SER A 287 -3.47 -0.33 15.25
C SER A 287 -3.06 1.14 15.44
N SER A 288 -2.53 1.44 16.62
CA SER A 288 -2.09 2.78 16.96
C SER A 288 -0.74 3.15 16.34
N ARG A 289 -0.53 4.45 16.17
CA ARG A 289 0.72 5.01 15.66
C ARG A 289 0.54 6.52 15.73
N ILE A 290 1.52 7.28 15.25
CA ILE A 290 1.37 8.72 15.24
C ILE A 290 1.76 9.25 13.87
N ILE A 291 1.35 10.48 13.56
CA ILE A 291 1.79 11.12 12.34
C ILE A 291 2.50 12.31 12.94
N TYR A 292 3.46 12.88 12.24
CA TYR A 292 4.21 14.01 12.79
C TYR A 292 4.62 15.04 11.78
N SER A 293 5.05 16.20 12.27
CA SER A 293 5.51 17.28 11.42
C SER A 293 6.72 17.93 12.06
N ASP A 294 7.80 18.04 11.29
CA ASP A 294 9.02 18.67 11.78
C ASP A 294 9.16 20.10 11.24
N ASP A 295 8.23 20.52 10.39
CA ASP A 295 8.30 21.86 9.83
C ASP A 295 7.13 22.75 10.24
N HIS A 296 6.77 22.66 11.51
CA HIS A 296 5.70 23.48 12.06
C HIS A 296 4.33 23.27 11.42
N GLY A 297 4.05 22.03 11.03
CA GLY A 297 2.76 21.72 10.46
C GLY A 297 2.55 21.89 8.97
N LYS A 298 3.60 22.21 8.24
CA LYS A 298 3.48 22.39 6.79
C LYS A 298 3.35 21.05 6.08
N THR A 299 4.18 20.09 6.47
CA THR A 299 4.13 18.76 5.87
C THR A 299 4.04 17.72 6.97
N TRP A 300 3.36 16.62 6.67
CA TRP A 300 3.18 15.55 7.64
C TRP A 300 3.71 14.22 7.17
N HIS A 301 4.06 13.37 8.12
CA HIS A 301 4.61 12.05 7.81
C HIS A 301 4.04 11.03 8.80
N ALA A 302 3.92 9.78 8.36
CA ALA A 302 3.41 8.75 9.23
C ALA A 302 4.54 7.99 9.91
N GLY A 303 4.39 7.72 11.20
CA GLY A 303 5.38 6.94 11.90
C GLY A 303 4.97 5.50 11.64
N GLU A 304 5.68 4.54 12.22
CA GLU A 304 5.34 3.14 12.03
C GLU A 304 4.36 2.71 13.11
N ALA A 305 3.60 1.65 12.86
CA ALA A 305 2.64 1.18 13.85
C ALA A 305 3.33 0.43 14.98
N VAL A 306 2.74 0.53 16.17
CA VAL A 306 3.26 -0.17 17.33
C VAL A 306 3.24 -1.67 17.01
N ASN A 307 2.22 -2.09 16.26
CA ASN A 307 2.04 -3.49 15.87
C ASN A 307 2.94 -3.96 14.73
N ASP A 308 3.68 -3.06 14.09
CA ASP A 308 4.54 -3.48 12.98
C ASP A 308 5.74 -4.28 13.50
N ASN A 309 5.78 -5.53 13.07
CA ASN A 309 6.82 -6.48 13.45
C ASN A 309 6.75 -6.82 14.94
N ARG A 310 5.55 -6.76 15.49
CA ARG A 310 5.33 -7.07 16.90
C ARG A 310 5.17 -8.58 17.04
N GLN A 311 5.73 -9.13 18.11
CA GLN A 311 5.65 -10.56 18.39
C GLN A 311 4.39 -10.82 19.20
N VAL A 312 3.49 -11.62 18.63
CA VAL A 312 2.24 -11.96 19.29
C VAL A 312 2.09 -13.46 19.39
N ASP A 313 2.13 -13.99 20.61
CA ASP A 313 2.00 -15.42 20.85
C ASP A 313 3.06 -16.24 20.13
N GLY A 314 4.27 -15.70 20.05
CA GLY A 314 5.36 -16.42 19.40
C GLY A 314 5.58 -16.09 17.94
N GLN A 315 4.65 -15.36 17.32
CA GLN A 315 4.82 -15.02 15.91
C GLN A 315 4.61 -13.53 15.64
N LYS A 316 5.24 -13.06 14.57
CA LYS A 316 5.18 -11.66 14.18
C LYS A 316 3.91 -11.27 13.44
N ILE A 317 3.59 -9.98 13.50
CA ILE A 317 2.44 -9.45 12.79
C ILE A 317 2.82 -8.09 12.23
N HIS A 318 1.96 -7.56 11.37
CA HIS A 318 2.15 -6.24 10.78
C HIS A 318 0.78 -5.61 10.78
N SER A 319 0.70 -4.30 11.01
CA SER A 319 -0.59 -3.62 11.05
C SER A 319 -1.38 -3.75 9.75
N SER A 320 -0.69 -3.97 8.63
CA SER A 320 -1.35 -4.08 7.34
C SER A 320 -1.90 -5.47 7.02
N THR A 321 -1.48 -6.48 7.78
CA THR A 321 -1.93 -7.85 7.51
C THR A 321 -2.51 -8.61 8.70
N ASN A 323 -4.76 -9.98 11.95
CA ASN A 323 -6.14 -10.37 12.22
C ASN A 323 -6.04 -10.98 13.62
N ASN A 324 -5.93 -10.10 14.62
CA ASN A 324 -5.79 -10.52 16.01
C ASN A 324 -6.48 -9.49 16.89
N ARG A 325 -7.70 -9.83 17.33
CA ARG A 325 -8.49 -8.94 18.16
C ARG A 325 -7.75 -8.39 19.37
N ARG A 326 -7.13 -9.29 20.14
CA ARG A 326 -6.42 -8.91 21.36
C ARG A 326 -5.17 -8.06 21.15
N ALA A 327 -4.56 -8.17 19.98
CA ALA A 327 -3.36 -7.42 19.68
C ALA A 327 -3.64 -6.01 19.17
N GLN A 328 -4.91 -5.69 18.97
CA GLN A 328 -5.26 -4.37 18.49
C GLN A 328 -4.96 -3.30 19.54
N ASN A 329 -4.75 -2.08 19.08
CA ASN A 329 -4.56 -0.91 19.94
C ASN A 329 -5.19 0.17 19.07
N THR A 330 -6.09 0.96 19.63
CA THR A 330 -6.81 1.93 18.83
C THR A 330 -6.51 3.38 19.13
N GLU A 331 -7.50 4.12 19.63
CA GLU A 331 -7.28 5.51 19.98
C GLU A 331 -6.22 5.55 21.06
N SER A 332 -5.36 6.56 21.03
CA SER A 332 -4.29 6.65 22.01
C SER A 332 -3.97 8.09 22.40
N THR A 333 -3.16 8.22 23.44
CA THR A 333 -2.72 9.52 23.93
C THR A 333 -1.18 9.43 24.03
N VAL A 334 -0.51 10.50 23.63
CA VAL A 334 0.95 10.53 23.59
C VAL A 334 1.62 11.53 24.54
N VAL A 335 2.72 11.08 25.15
CA VAL A 335 3.48 11.90 26.10
C VAL A 335 4.98 11.72 25.91
N GLN A 336 5.75 12.79 26.03
CA GLN A 336 7.20 12.64 25.93
C GLN A 336 7.77 12.83 27.32
N LEU A 337 8.74 11.99 27.67
CA LEU A 337 9.37 12.05 28.98
C LEU A 337 10.59 12.96 28.90
N ASN A 338 11.16 13.30 30.06
CA ASN A 338 12.33 14.15 30.07
C ASN A 338 13.56 13.44 29.51
N ASN A 339 13.55 12.10 29.53
CA ASN A 339 14.67 11.34 28.99
C ASN A 339 14.60 11.25 27.48
N GLY A 340 13.60 11.91 26.90
CA GLY A 340 13.44 11.92 25.45
C GLY A 340 12.49 10.89 24.88
N ASP A 341 12.18 9.85 25.65
CA ASP A 341 11.29 8.80 25.18
C ASP A 341 9.86 9.29 24.98
N VAL A 342 9.17 8.65 24.04
CA VAL A 342 7.78 8.97 23.77
C VAL A 342 6.95 7.78 24.22
N LYS A 343 5.93 8.04 25.02
CA LYS A 343 5.07 6.98 25.52
C LYS A 343 3.71 7.09 24.83
N LEU A 344 3.18 5.96 24.40
CA LEU A 344 1.87 5.95 23.75
C LEU A 344 0.93 5.07 24.57
N PHE A 345 -0.07 5.68 25.19
CA PHE A 345 -1.04 4.94 26.01
C PHE A 345 -2.17 4.62 25.06
N ARG A 347 -5.78 2.58 23.83
CA ARG A 347 -7.04 1.92 24.14
C ARG A 347 -6.94 0.51 23.59
N GLY A 348 -7.25 -0.48 24.43
CA GLY A 348 -7.15 -1.87 23.98
C GLY A 348 -8.14 -2.81 24.62
N LEU A 349 -7.94 -4.11 24.40
CA LEU A 349 -8.86 -5.13 24.91
C LEU A 349 -8.26 -6.13 25.91
N THR A 350 -7.26 -5.69 26.67
CA THR A 350 -6.63 -6.56 27.67
C THR A 350 -7.20 -6.33 29.07
N GLY A 351 -8.04 -5.33 29.21
CA GLY A 351 -8.62 -5.04 30.52
C GLY A 351 -7.76 -4.10 31.35
N ASP A 352 -6.53 -3.85 30.91
CA ASP A 352 -5.65 -2.94 31.64
C ASP A 352 -4.88 -2.02 30.71
N LEU A 353 -4.18 -1.06 31.28
CA LEU A 353 -3.41 -0.07 30.52
C LEU A 353 -2.25 -0.63 29.73
N GLN A 354 -2.26 -0.36 28.42
CA GLN A 354 -1.20 -0.81 27.53
C GLN A 354 -0.39 0.42 27.11
N VAL A 355 0.93 0.32 27.22
CA VAL A 355 1.79 1.44 26.86
C VAL A 355 2.97 1.04 25.97
N ALA A 356 3.15 1.75 24.87
CA ALA A 356 4.25 1.49 23.95
C ALA A 356 5.27 2.61 24.14
N THR A 357 6.53 2.33 23.83
CA THR A 357 7.60 3.31 23.97
C THR A 357 8.41 3.48 22.70
N SER A 358 8.69 4.73 22.35
CA SER A 358 9.48 5.04 21.16
C SER A 358 10.73 5.80 21.58
N LYS A 359 11.88 5.35 21.09
CA LYS A 359 13.15 5.97 21.41
C LYS A 359 13.60 6.95 20.33
N ASP A 360 12.84 7.03 19.23
CA ASP A 360 13.23 7.92 18.13
C ASP A 360 12.19 8.96 17.72
N GLY A 361 11.57 9.60 18.70
CA GLY A 361 10.59 10.63 18.39
C GLY A 361 9.25 10.14 17.87
N GLY A 362 8.94 8.87 18.07
CA GLY A 362 7.66 8.33 17.63
C GLY A 362 7.60 7.60 16.30
N VAL A 363 8.75 7.38 15.65
CA VAL A 363 8.75 6.69 14.37
C VAL A 363 8.62 5.18 14.55
N THR A 364 9.45 4.61 15.43
CA THR A 364 9.40 3.17 15.69
C THR A 364 9.08 2.94 17.16
N TRP A 365 8.65 1.72 17.48
CA TRP A 365 8.31 1.39 18.86
C TRP A 365 9.04 0.14 19.37
N GLU A 366 9.48 0.19 20.62
CA GLU A 366 10.21 -0.92 21.23
C GLU A 366 9.35 -2.18 21.21
N LYS A 367 10.00 -3.34 21.30
CA LYS A 367 9.27 -4.61 21.22
C LYS A 367 8.24 -4.95 22.30
N ASP A 368 8.50 -4.56 23.53
CA ASP A 368 7.55 -4.90 24.59
C ASP A 368 6.52 -3.84 24.92
N ILE A 369 5.25 -4.22 24.78
CA ILE A 369 4.15 -3.34 25.12
C ILE A 369 3.91 -3.61 26.59
N LYS A 370 4.09 -2.59 27.42
CA LYS A 370 3.91 -2.72 28.86
C LYS A 370 2.44 -2.64 29.25
N ARG A 371 2.05 -3.50 30.18
CA ARG A 371 0.68 -3.51 30.69
C ARG A 371 0.74 -3.14 32.16
N TYR A 372 -0.15 -2.27 32.59
CA TYR A 372 -0.20 -1.83 33.98
C TYR A 372 -1.52 -2.22 34.62
N PRO A 373 -1.53 -3.35 35.34
CA PRO A 373 -2.74 -3.85 36.01
C PRO A 373 -3.29 -2.80 36.98
N GLN A 374 -2.44 -1.88 37.40
CA GLN A 374 -2.83 -0.83 38.32
C GLN A 374 -3.87 0.09 37.70
N VAL A 375 -3.88 0.18 36.38
CA VAL A 375 -4.84 1.03 35.68
C VAL A 375 -5.74 0.22 34.77
N LYS A 376 -7.02 0.14 35.12
CA LYS A 376 -7.98 -0.61 34.34
C LYS A 376 -8.31 0.12 33.04
N ASP A 377 -8.66 -0.65 32.02
CA ASP A 377 -9.05 -0.10 30.72
C ASP A 377 -10.27 -0.88 30.25
N VAL A 378 -11.43 -0.22 30.25
CA VAL A 378 -12.68 -0.86 29.85
C VAL A 378 -12.93 -0.73 28.35
N TYR A 379 -11.88 -0.40 27.60
CA TYR A 379 -11.92 -0.22 26.14
C TYR A 379 -12.63 1.07 25.77
N VAL A 380 -11.98 2.17 26.12
CA VAL A 380 -12.50 3.50 25.86
C VAL A 380 -11.32 4.45 25.77
N GLN A 381 -11.52 5.59 25.10
CA GLN A 381 -10.46 6.57 24.93
C GLN A 381 -9.97 7.10 26.28
N SER A 383 -6.77 10.07 28.11
CA SER A 383 -5.82 11.15 27.84
C SER A 383 -4.78 11.13 28.94
N ALA A 384 -3.58 11.57 28.63
CA ALA A 384 -2.50 11.60 29.60
C ALA A 384 -1.59 12.77 29.27
N ILE A 385 -1.00 13.37 30.30
CA ILE A 385 -0.12 14.49 30.11
C ILE A 385 1.10 14.41 31.02
N HIS A 386 2.18 15.01 30.56
CA HIS A 386 3.42 15.05 31.31
C HIS A 386 3.29 16.23 32.27
N THR A 387 3.91 16.14 33.44
CA THR A 387 3.87 17.24 34.38
C THR A 387 5.02 17.17 35.36
N HIS A 389 6.44 18.44 39.25
CA HIS A 389 6.03 18.92 40.56
C HIS A 389 7.20 18.82 41.52
N GLU A 390 7.58 19.98 42.08
CA GLU A 390 8.70 20.07 43.01
C GLU A 390 9.94 19.37 42.47
N GLY A 391 10.26 19.65 41.21
CA GLY A 391 11.44 19.08 40.59
C GLY A 391 11.32 17.61 40.19
N LYS A 392 10.16 17.01 40.40
CA LYS A 392 9.93 15.61 40.07
C LYS A 392 9.02 15.44 38.86
N GLU A 393 9.30 14.42 38.07
CA GLU A 393 8.52 14.15 36.85
C GLU A 393 7.42 13.12 37.04
N TYR A 394 6.24 13.45 36.51
CA TYR A 394 5.07 12.59 36.61
C TYR A 394 4.28 12.57 35.33
N ILE A 395 3.25 11.72 35.32
CA ILE A 395 2.32 11.63 34.22
C ILE A 395 0.95 11.47 34.87
N ILE A 396 -0.02 12.23 34.37
CA ILE A 396 -1.37 12.15 34.87
C ILE A 396 -2.18 11.55 33.73
N LEU A 397 -2.99 10.54 34.03
CA LEU A 397 -3.80 9.87 33.01
C LEU A 397 -5.21 9.69 33.51
N SER A 398 -6.18 10.00 32.64
CA SER A 398 -7.58 9.87 33.03
C SER A 398 -8.37 8.99 32.10
N ASN A 399 -9.17 8.11 32.69
CA ASN A 399 -10.05 7.23 31.93
C ASN A 399 -11.11 6.66 32.86
N ALA A 400 -12.03 5.89 32.30
CA ALA A 400 -13.09 5.29 33.10
C ALA A 400 -12.53 4.23 34.03
N GLY A 401 -13.09 4.14 35.24
CA GLY A 401 -12.63 3.16 36.21
C GLY A 401 -13.41 1.86 36.13
N GLY A 402 -14.56 1.90 35.47
CA GLY A 402 -15.38 0.71 35.34
C GLY A 402 -16.43 0.57 36.44
N PRO A 403 -17.19 -0.53 36.45
CA PRO A 403 -17.21 -1.68 35.53
C PRO A 403 -17.29 -1.37 34.03
N LYS A 404 -18.17 -0.45 33.66
CA LYS A 404 -18.32 -0.07 32.26
C LYS A 404 -17.75 1.32 32.03
N ARG A 405 -18.36 2.11 31.16
CA ARG A 405 -17.85 3.46 30.92
C ARG A 405 -18.45 4.37 31.97
N GLU A 406 -17.89 4.25 33.17
CA GLU A 406 -18.36 5.01 34.31
C GLU A 406 -17.23 5.17 35.33
N ASN A 407 -17.48 6.03 36.31
CA ASN A 407 -16.54 6.30 37.39
C ASN A 407 -15.19 6.78 36.88
N GLY A 408 -15.19 8.02 36.38
CA GLY A 408 -13.96 8.61 35.86
C GLY A 408 -12.87 8.67 36.91
N VAL A 410 -8.54 9.65 37.76
CA VAL A 410 -7.36 10.40 37.39
C VAL A 410 -6.23 9.63 38.06
N HIS A 411 -5.38 9.01 37.24
CA HIS A 411 -4.26 8.21 37.72
C HIS A 411 -2.96 8.99 37.73
N LEU A 412 -2.19 8.87 38.81
CA LEU A 412 -0.92 9.57 38.92
C LEU A 412 0.25 8.58 38.92
N ALA A 413 1.24 8.85 38.07
CA ALA A 413 2.39 7.97 37.99
C ALA A 413 3.70 8.75 38.06
N ARG A 414 4.67 8.18 38.77
CA ARG A 414 5.98 8.80 38.89
C ARG A 414 6.80 8.28 37.72
N VAL A 415 7.52 9.18 37.05
CA VAL A 415 8.34 8.79 35.93
C VAL A 415 9.77 8.64 36.41
N GLU A 416 10.28 7.41 36.39
CA GLU A 416 11.64 7.15 36.84
C GLU A 416 12.64 7.60 35.77
N GLU A 417 13.91 7.62 36.13
CA GLU A 417 14.97 8.03 35.22
C GLU A 417 15.08 7.20 33.94
N ASN A 418 14.66 5.94 34.00
CA ASN A 418 14.73 5.08 32.82
C ASN A 418 13.45 5.11 32.00
N GLY A 419 12.52 5.97 32.39
CA GLY A 419 11.27 6.07 31.65
C GLY A 419 10.17 5.14 32.13
N GLU A 420 10.50 4.25 33.06
CA GLU A 420 9.51 3.32 33.57
C GLU A 420 8.52 4.07 34.44
N LEU A 421 7.30 3.55 34.53
CA LEU A 421 6.24 4.20 35.29
C LEU A 421 5.86 3.47 36.57
N THR A 422 5.61 4.26 37.62
CA THR A 422 5.21 3.71 38.92
C THR A 422 3.92 4.41 39.32
N TRP A 423 2.81 3.67 39.27
CA TRP A 423 1.51 4.25 39.62
C TRP A 423 1.39 4.48 41.11
N LEU A 424 1.18 5.73 41.48
CA LEU A 424 1.08 6.15 42.87
C LEU A 424 -0.34 6.31 43.40
N LYS A 425 -1.18 7.03 42.67
CA LYS A 425 -2.55 7.27 43.11
C LYS A 425 -3.59 7.07 42.02
N HIS A 426 -4.81 6.79 42.45
CA HIS A 426 -5.95 6.57 41.57
C HIS A 426 -7.13 7.23 42.28
N ASN A 427 -7.50 8.42 41.83
CA ASN A 427 -8.61 9.13 42.46
C ASN A 427 -9.80 9.40 41.56
N PRO A 428 -11.01 9.14 42.08
CA PRO A 428 -12.26 9.35 41.34
C PRO A 428 -12.50 10.83 41.08
N ILE A 429 -12.99 11.15 39.89
CA ILE A 429 -13.25 12.55 39.55
C ILE A 429 -14.69 12.78 39.09
N GLN A 430 -15.37 11.72 38.68
CA GLN A 430 -16.75 11.87 38.22
C GLN A 430 -17.54 10.56 38.31
N LYS A 431 -18.51 10.53 39.20
CA LYS A 431 -19.33 9.33 39.37
C LYS A 431 -20.27 9.17 38.18
N GLY A 432 -20.82 7.97 38.02
CA GLY A 432 -21.72 7.72 36.92
C GLY A 432 -21.00 7.61 35.58
N GLU A 433 -21.76 7.78 34.51
CA GLU A 433 -21.23 7.69 33.16
C GLU A 433 -20.00 8.56 32.92
N PHE A 434 -18.98 7.96 32.32
CA PHE A 434 -17.75 8.68 32.05
C PHE A 434 -17.07 8.00 30.86
N ALA A 435 -16.75 8.77 29.83
CA ALA A 435 -16.10 8.20 28.67
C ALA A 435 -14.87 8.97 28.22
N TYR A 436 -14.91 9.51 27.01
CA TYR A 436 -13.76 10.24 26.47
C TYR A 436 -13.43 11.48 27.29
N ASN A 437 -12.14 11.80 27.35
CA ASN A 437 -11.71 12.96 28.13
C ASN A 437 -10.40 13.54 27.61
N SER A 438 -10.10 14.76 28.02
CA SER A 438 -8.88 15.43 27.58
C SER A 438 -8.33 16.31 28.70
N LEU A 439 -7.11 16.00 29.13
CA LEU A 439 -6.42 16.71 30.21
C LEU A 439 -5.45 17.78 29.72
N GLN A 440 -5.28 18.82 30.53
CA GLN A 440 -4.33 19.89 30.24
C GLN A 440 -3.83 20.46 31.56
N GLU A 441 -2.55 20.81 31.61
CA GLU A 441 -1.99 21.41 32.80
C GLU A 441 -2.28 22.90 32.65
N LEU A 442 -2.76 23.53 33.72
CA LEU A 442 -3.11 24.94 33.69
C LEU A 442 -2.04 25.81 34.34
N GLY A 443 -1.14 25.20 35.10
CA GLY A 443 -0.09 25.95 35.76
C GLY A 443 -0.40 26.22 37.22
N ASN A 444 0.59 26.69 37.96
CA ASN A 444 0.42 27.00 39.39
C ASN A 444 -0.05 25.76 40.15
N GLY A 445 0.30 24.59 39.63
CA GLY A 445 -0.09 23.35 40.27
C GLY A 445 -1.53 22.91 39.99
N GLU A 446 -2.14 23.51 38.97
CA GLU A 446 -3.53 23.18 38.63
C GLU A 446 -3.63 22.45 37.29
N TYR A 447 -4.73 21.72 37.12
CA TYR A 447 -4.98 20.96 35.91
C TYR A 447 -6.44 21.04 35.52
N GLY A 448 -6.71 20.87 34.23
CA GLY A 448 -8.09 20.91 33.77
C GLY A 448 -8.41 19.65 32.98
N ILE A 449 -9.69 19.33 32.89
CA ILE A 449 -10.11 18.15 32.14
C ILE A 449 -11.49 18.38 31.55
N LEU A 450 -11.64 18.06 30.27
CA LEU A 450 -12.91 18.18 29.55
C LEU A 450 -13.30 16.73 29.31
N TYR A 451 -14.49 16.32 29.75
CA TYR A 451 -14.87 14.92 29.61
C TYR A 451 -16.33 14.66 29.27
N GLU A 452 -16.59 13.43 28.83
CA GLU A 452 -17.93 12.99 28.49
C GLU A 452 -18.63 12.38 29.69
N HIS A 453 -19.87 12.78 29.92
CA HIS A 453 -20.65 12.27 31.04
C HIS A 453 -22.12 12.57 30.75
N THR A 454 -23.00 11.76 31.31
CA THR A 454 -24.44 11.99 31.17
C THR A 454 -25.11 11.69 32.49
N GLU A 455 -26.26 12.31 32.70
CA GLU A 455 -27.06 12.13 33.89
C GLU A 455 -28.40 12.79 33.57
N LYS A 456 -29.40 12.56 34.41
CA LYS A 456 -30.73 13.12 34.20
C LYS A 456 -31.26 12.92 32.78
N GLY A 457 -31.08 11.72 32.24
CA GLY A 457 -31.57 11.43 30.89
C GLY A 457 -30.89 12.11 29.72
N GLN A 458 -29.74 12.74 29.97
CA GLN A 458 -29.02 13.42 28.90
C GLN A 458 -28.54 12.45 27.81
N ASN A 459 -28.58 12.92 26.56
CA ASN A 459 -28.14 12.13 25.43
C ASN A 459 -26.62 12.01 25.50
N ALA A 460 -26.06 10.92 24.99
CA ALA A 460 -24.61 10.77 25.01
C ALA A 460 -24.06 11.77 24.00
N TYR A 461 -23.26 12.75 24.42
CA TYR A 461 -22.87 13.00 25.82
C TYR A 461 -22.91 14.51 26.04
N THR A 462 -22.75 14.90 27.29
CA THR A 462 -22.62 16.31 27.63
C THR A 462 -21.15 16.40 28.02
N LEU A 463 -20.44 17.37 27.44
CA LEU A 463 -19.02 17.52 27.74
C LEU A 463 -18.86 18.57 28.83
N SER A 464 -18.30 18.15 29.96
CA SER A 464 -18.13 19.04 31.10
C SER A 464 -16.66 19.27 31.45
N PHE A 465 -16.43 20.32 32.24
CA PHE A 465 -15.08 20.72 32.62
C PHE A 465 -14.89 20.80 34.13
N ARG A 466 -13.73 20.35 34.60
CA ARG A 466 -13.38 20.42 36.01
C ARG A 466 -11.92 20.79 36.13
N LYS A 467 -11.57 21.41 37.25
CA LYS A 467 -10.20 21.80 37.52
C LYS A 467 -9.82 21.18 38.85
N PHE A 468 -8.59 20.67 38.95
CA PHE A 468 -8.12 20.06 40.18
C PHE A 468 -6.66 20.41 40.39
N ASN A 469 -6.16 20.24 41.61
CA ASN A 469 -4.77 20.56 41.89
C ASN A 469 -3.96 19.35 42.37
N TRP A 470 -2.71 19.60 42.69
CA TRP A 470 -1.82 18.54 43.13
C TRP A 470 -2.31 17.81 44.38
N ASP A 471 -2.92 18.54 45.31
CA ASP A 471 -3.41 17.91 46.53
C ASP A 471 -4.49 16.89 46.22
N PHE A 472 -5.25 17.13 45.16
CA PHE A 472 -6.31 16.21 44.77
C PHE A 472 -5.69 14.93 44.19
N LEU A 473 -4.62 15.12 43.42
CA LEU A 473 -3.91 14.03 42.76
C LEU A 473 -3.13 13.10 43.68
N SER A 474 -2.41 13.69 44.63
CA SER A 474 -1.56 12.93 45.54
C SER A 474 -2.14 12.55 46.90
N LYS A 475 -3.18 13.23 47.35
CA LYS A 475 -3.77 12.93 48.65
C LYS A 475 -5.06 12.12 48.57
N ASP A 476 -5.25 11.26 49.57
CA ASP A 476 -6.45 10.42 49.66
C ASP A 476 -7.56 11.21 50.37
N LEU A 477 -8.62 11.51 49.63
CA LEU A 477 -9.74 12.27 50.18
C LEU A 477 -10.54 11.50 51.21
N LEU B 1 0.15 -28.90 -44.29
CA LEU B 1 1.44 -28.81 -45.04
C LEU B 1 1.23 -28.34 -46.49
N PRO B 2 0.53 -27.21 -46.67
CA PRO B 2 0.27 -26.67 -48.00
C PRO B 2 1.53 -26.10 -48.66
N GLU B 3 1.53 -26.05 -49.98
CA GLU B 3 2.68 -25.53 -50.72
C GLU B 3 2.96 -24.09 -50.33
N GLY B 4 4.23 -23.76 -50.14
CA GLY B 4 4.62 -22.43 -49.75
C GLY B 4 4.81 -22.31 -48.25
N ALA B 5 4.04 -23.08 -47.49
CA ALA B 5 4.12 -23.05 -46.04
C ALA B 5 5.39 -23.73 -45.55
N ALA B 6 5.98 -23.19 -44.49
CA ALA B 6 7.19 -23.76 -43.93
C ALA B 6 7.15 -23.75 -42.41
N LEU B 7 7.55 -24.86 -41.82
CA LEU B 7 7.62 -25.01 -40.38
C LEU B 7 8.79 -25.96 -40.12
N THR B 8 9.84 -25.44 -39.50
CA THR B 8 11.01 -26.26 -39.21
C THR B 8 10.65 -27.33 -38.18
N GLU B 9 11.47 -28.38 -38.13
CA GLU B 9 11.25 -29.45 -37.17
C GLU B 9 11.66 -28.90 -35.81
N LYS B 10 11.15 -29.51 -34.75
CA LYS B 10 11.45 -29.11 -33.39
C LYS B 10 12.97 -29.14 -33.11
N THR B 11 13.50 -28.02 -32.63
CA THR B 11 14.93 -27.93 -32.31
C THR B 11 15.03 -27.61 -30.81
N ASP B 12 15.53 -28.57 -30.03
CA ASP B 12 15.63 -28.38 -28.58
C ASP B 12 16.75 -27.45 -28.15
N ILE B 13 16.38 -26.42 -27.40
CA ILE B 13 17.33 -25.42 -26.93
C ILE B 13 17.78 -25.70 -25.51
N PHE B 14 16.83 -26.01 -24.64
CA PHE B 14 17.13 -26.34 -23.25
C PHE B 14 16.52 -27.71 -23.00
N GLU B 15 17.38 -28.72 -22.85
CA GLU B 15 16.93 -30.08 -22.65
C GLU B 15 16.77 -30.54 -21.21
N SER B 16 15.56 -30.92 -20.85
CA SER B 16 15.30 -31.40 -19.50
C SER B 16 15.75 -32.85 -19.40
N GLY B 17 15.78 -33.38 -18.19
CA GLY B 17 16.17 -34.76 -18.00
C GLY B 17 15.00 -35.63 -18.41
N ARG B 18 15.12 -36.94 -18.20
CA ARG B 18 14.06 -37.88 -18.57
C ARG B 18 13.71 -38.82 -17.42
N ASN B 19 12.45 -39.24 -17.40
CA ASN B 19 11.96 -40.16 -16.38
C ASN B 19 12.32 -39.78 -14.95
N GLY B 20 12.26 -38.49 -14.66
CA GLY B 20 12.57 -38.00 -13.33
C GLY B 20 14.04 -37.90 -12.97
N LYS B 21 14.92 -38.09 -13.95
CA LYS B 21 16.35 -38.00 -13.70
C LYS B 21 16.97 -36.72 -14.24
N PRO B 22 18.16 -36.34 -13.72
CA PRO B 22 18.85 -35.13 -14.17
C PRO B 22 19.39 -35.35 -15.58
N ASN B 23 19.61 -34.27 -16.33
CA ASN B 23 20.15 -34.42 -17.68
C ASN B 23 21.67 -34.52 -17.60
N LYS B 24 22.35 -34.45 -18.74
CA LYS B 24 23.80 -34.59 -18.77
C LYS B 24 24.55 -33.51 -17.99
N ASP B 25 23.87 -32.41 -17.73
CA ASP B 25 24.48 -31.31 -16.97
C ASP B 25 24.06 -31.36 -15.51
N GLY B 26 23.31 -32.40 -15.15
CA GLY B 26 22.84 -32.55 -13.79
C GLY B 26 21.64 -31.68 -13.49
N ILE B 27 20.93 -31.29 -14.54
CA ILE B 27 19.73 -30.45 -14.45
C ILE B 27 18.48 -31.27 -14.79
N LYS B 28 17.48 -31.20 -13.92
CA LYS B 28 16.26 -31.96 -14.18
C LYS B 28 15.26 -31.26 -15.09
N SER B 29 15.11 -29.96 -14.90
CA SER B 29 14.10 -29.24 -15.65
C SER B 29 14.44 -27.85 -16.16
N TYR B 30 13.75 -27.47 -17.23
CA TYR B 30 13.86 -26.12 -17.80
C TYR B 30 12.41 -25.70 -17.98
N ARG B 31 12.14 -24.42 -17.72
CA ARG B 31 10.79 -23.89 -17.89
C ARG B 31 10.85 -22.40 -18.14
N ILE B 32 9.70 -21.85 -18.53
CA ILE B 32 9.50 -20.42 -18.75
C ILE B 32 10.37 -19.78 -19.84
N PRO B 33 10.07 -20.08 -21.10
CA PRO B 33 10.83 -19.53 -22.22
C PRO B 33 10.63 -18.04 -22.51
N ALA B 34 11.67 -17.41 -23.03
CA ALA B 34 11.61 -16.00 -23.42
C ALA B 34 12.48 -15.93 -24.68
N LEU B 35 11.93 -15.39 -25.76
CA LEU B 35 12.67 -15.30 -27.02
C LEU B 35 12.84 -13.85 -27.45
N LEU B 36 14.08 -13.47 -27.76
CA LEU B 36 14.35 -12.09 -28.16
C LEU B 36 15.20 -11.97 -29.41
N LYS B 37 14.69 -11.24 -30.40
CA LYS B 37 15.41 -10.98 -31.64
C LYS B 37 16.05 -9.61 -31.42
N THR B 38 17.38 -9.57 -31.36
CA THR B 38 18.09 -8.31 -31.11
C THR B 38 18.35 -7.51 -32.37
N ASP B 39 18.76 -6.25 -32.19
CA ASP B 39 19.04 -5.36 -33.31
C ASP B 39 20.15 -5.90 -34.19
N LYS B 40 21.01 -6.75 -33.63
CA LYS B 40 22.10 -7.33 -34.42
C LYS B 40 21.65 -8.57 -35.17
N GLY B 41 20.38 -8.94 -34.99
CA GLY B 41 19.83 -10.11 -35.66
C GLY B 41 19.92 -11.36 -34.81
N THR B 42 20.65 -11.25 -33.70
CA THR B 42 20.82 -12.37 -32.79
C THR B 42 19.51 -12.81 -32.18
N LEU B 43 19.45 -14.08 -31.82
CA LEU B 43 18.26 -14.63 -31.20
C LEU B 43 18.71 -15.06 -29.81
N ILE B 44 18.09 -14.51 -28.78
CA ILE B 44 18.41 -14.85 -27.41
C ILE B 44 17.27 -15.67 -26.85
N ALA B 45 17.58 -16.88 -26.37
CA ALA B 45 16.58 -17.75 -25.79
C ALA B 45 16.86 -17.83 -24.29
N GLY B 46 15.90 -17.39 -23.49
CA GLY B 46 16.07 -17.42 -22.05
C GLY B 46 15.18 -18.44 -21.39
N ALA B 47 15.55 -18.84 -20.18
CA ALA B 47 14.77 -19.82 -19.46
C ALA B 47 15.17 -19.93 -18.00
N ASP B 48 14.30 -20.60 -17.24
CA ASP B 48 14.53 -20.90 -15.84
C ASP B 48 15.29 -22.22 -15.88
N GLU B 49 16.48 -22.28 -15.30
CA GLU B 49 17.23 -23.53 -15.25
C GLU B 49 16.89 -24.14 -13.90
N ARG B 50 15.90 -25.02 -13.88
CA ARG B 50 15.42 -25.64 -12.65
C ARG B 50 16.11 -26.96 -12.36
N ARG B 51 17.23 -26.84 -11.65
CA ARG B 51 18.08 -27.97 -11.31
C ARG B 51 17.49 -29.18 -10.60
N LEU B 52 16.81 -28.94 -9.49
CA LEU B 52 16.30 -30.02 -8.65
C LEU B 52 14.96 -30.66 -8.95
N HIS B 53 14.07 -29.92 -9.60
CA HIS B 53 12.74 -30.40 -9.93
C HIS B 53 12.07 -29.32 -10.77
N SER B 54 10.85 -29.58 -11.23
CA SER B 54 10.13 -28.65 -12.09
C SER B 54 9.27 -27.60 -11.38
N SER B 55 9.22 -27.64 -10.04
CA SER B 55 8.40 -26.70 -9.29
C SER B 55 8.91 -25.25 -9.30
N ASP B 56 8.03 -24.31 -8.95
CA ASP B 56 8.36 -22.88 -8.93
C ASP B 56 9.19 -22.43 -7.73
N TRP B 57 10.25 -23.19 -7.43
CA TRP B 57 11.13 -22.86 -6.32
C TRP B 57 12.35 -23.78 -6.39
N GLY B 58 13.25 -23.63 -5.42
CA GLY B 58 14.45 -24.45 -5.40
C GLY B 58 15.64 -23.68 -5.98
N ASP B 59 16.62 -24.41 -6.48
CA ASP B 59 17.82 -23.82 -7.08
C ASP B 59 17.54 -23.58 -8.56
N ILE B 60 17.26 -22.31 -8.89
CA ILE B 60 16.93 -21.94 -10.26
C ILE B 60 17.81 -20.81 -10.78
N GLY B 61 18.41 -21.01 -11.93
CA GLY B 61 19.26 -19.98 -12.51
C GLY B 61 18.61 -19.34 -13.72
N VAL B 63 19.11 -18.25 -17.22
CA VAL B 63 20.08 -18.55 -18.26
C VAL B 63 19.59 -18.21 -19.66
N ILE B 64 20.53 -18.06 -20.58
CA ILE B 64 20.19 -17.78 -21.97
C ILE B 64 21.17 -18.49 -22.88
N ARG B 65 20.77 -18.64 -24.14
CA ARG B 65 21.62 -19.21 -25.17
C ARG B 65 21.43 -18.28 -26.34
N ARG B 66 22.49 -18.08 -27.12
CA ARG B 66 22.44 -17.18 -28.26
C ARG B 66 22.59 -17.93 -29.58
N SER B 67 21.87 -17.45 -30.59
CA SER B 67 21.95 -18.02 -31.93
C SER B 67 22.23 -16.85 -32.85
N GLU B 68 23.28 -16.97 -33.66
CA GLU B 68 23.61 -15.90 -34.57
C GLU B 68 23.24 -16.25 -36.01
N ASP B 69 22.58 -17.39 -36.18
CA ASP B 69 22.15 -17.81 -37.51
C ASP B 69 20.64 -18.01 -37.62
N ASN B 70 19.89 -17.20 -36.88
CA ASN B 70 18.43 -17.23 -36.90
C ASN B 70 17.79 -18.52 -36.38
N GLY B 71 18.39 -19.14 -35.38
CA GLY B 71 17.82 -20.35 -34.80
C GLY B 71 18.37 -21.67 -35.27
N LYS B 72 19.29 -21.64 -36.23
CA LYS B 72 19.88 -22.87 -36.76
C LYS B 72 20.72 -23.55 -35.68
N THR B 73 21.71 -22.83 -35.16
CA THR B 73 22.57 -23.36 -34.11
C THR B 73 22.58 -22.42 -32.91
N TRP B 74 22.85 -22.98 -31.74
CA TRP B 74 22.88 -22.20 -30.52
C TRP B 74 24.17 -22.38 -29.74
N GLY B 75 24.59 -21.32 -29.05
CA GLY B 75 25.83 -21.38 -28.29
C GLY B 75 25.69 -21.94 -26.89
N ASP B 76 26.78 -21.93 -26.14
CA ASP B 76 26.78 -22.44 -24.78
C ASP B 76 25.92 -21.60 -23.87
N ARG B 77 25.42 -22.22 -22.81
CA ARG B 77 24.59 -21.54 -21.83
C ARG B 77 25.34 -20.39 -21.17
N VAL B 78 24.67 -19.24 -21.07
CA VAL B 78 25.22 -18.07 -20.42
C VAL B 78 24.31 -17.86 -19.22
N THR B 79 24.90 -17.87 -18.04
CA THR B 79 24.11 -17.69 -16.83
C THR B 79 24.07 -16.22 -16.44
N ILE B 80 22.87 -15.68 -16.36
CA ILE B 80 22.70 -14.28 -15.99
C ILE B 80 22.83 -14.15 -14.47
N THR B 81 22.07 -14.97 -13.76
CA THR B 81 22.07 -14.93 -12.30
C THR B 81 21.77 -16.29 -11.71
N ASN B 82 22.53 -16.68 -10.68
CA ASN B 82 22.24 -17.93 -9.99
C ASN B 82 22.77 -17.83 -8.56
N LEU B 83 21.87 -17.49 -7.65
CA LEU B 83 22.20 -17.32 -6.24
C LEU B 83 22.62 -18.66 -5.65
N ARG B 84 23.65 -18.65 -4.81
CA ARG B 84 24.12 -19.90 -4.22
C ARG B 84 23.08 -20.45 -3.24
N ASP B 85 23.01 -21.77 -3.15
CA ASP B 85 22.05 -22.39 -2.25
C ASP B 85 22.54 -22.32 -0.81
N ASN B 86 21.62 -22.51 0.13
CA ASN B 86 21.99 -22.50 1.54
C ASN B 86 22.55 -23.90 1.79
N PRO B 87 23.87 -24.00 1.98
CA PRO B 87 24.52 -25.29 2.21
C PRO B 87 24.04 -26.05 3.44
N LYS B 88 23.39 -25.34 4.36
CA LYS B 88 22.91 -25.95 5.59
C LYS B 88 21.40 -26.23 5.62
N ALA B 89 20.72 -25.96 4.51
CA ALA B 89 19.29 -26.21 4.45
C ALA B 89 19.03 -27.70 4.62
N SER B 90 18.01 -28.05 5.40
CA SER B 90 17.67 -29.45 5.64
C SER B 90 17.13 -30.13 4.39
N ASP B 91 16.37 -29.38 3.60
CA ASP B 91 15.79 -29.89 2.36
C ASP B 91 16.32 -29.07 1.20
N PRO B 92 17.25 -29.63 0.41
CA PRO B 92 17.79 -28.87 -0.72
C PRO B 92 16.76 -28.44 -1.77
N SER B 93 15.65 -29.17 -1.88
CA SER B 93 14.64 -28.85 -2.87
C SER B 93 13.96 -27.51 -2.63
N ILE B 94 14.06 -27.00 -1.40
CA ILE B 94 13.49 -25.71 -1.05
C ILE B 94 14.56 -24.97 -0.28
N GLY B 95 15.81 -25.41 -0.44
CA GLY B 95 16.91 -24.81 0.31
C GLY B 95 17.77 -23.77 -0.37
N SER B 96 17.20 -23.03 -1.31
CA SER B 96 17.97 -22.01 -2.00
C SER B 96 17.19 -20.74 -2.32
N PRO B 97 17.86 -19.58 -2.27
CA PRO B 97 17.18 -18.32 -2.59
C PRO B 97 16.74 -18.57 -4.03
N VAL B 98 15.64 -17.95 -4.44
CA VAL B 98 15.09 -18.21 -5.76
C VAL B 98 14.96 -17.07 -6.74
N ASN B 99 15.22 -17.38 -8.01
CA ASN B 99 15.01 -16.45 -9.10
C ASN B 99 14.13 -17.28 -10.02
N ILE B 100 13.11 -16.66 -10.60
CA ILE B 100 12.18 -17.39 -11.43
C ILE B 100 11.39 -16.45 -12.33
N ASP B 101 11.08 -16.93 -13.54
CA ASP B 101 10.30 -16.17 -14.54
C ASP B 101 10.97 -14.89 -15.05
N VAL B 103 11.51 -11.76 -18.21
CA VAL B 103 10.96 -11.03 -19.33
C VAL B 103 12.18 -10.40 -19.99
N LEU B 104 12.32 -10.60 -21.29
CA LEU B 104 13.43 -10.03 -22.04
C LEU B 104 12.89 -8.88 -22.89
N VAL B 105 13.74 -7.90 -23.17
CA VAL B 105 13.37 -6.78 -24.02
C VAL B 105 14.63 -5.99 -24.31
N GLN B 106 14.72 -5.41 -25.50
CA GLN B 106 15.88 -4.61 -25.85
C GLN B 106 15.43 -3.19 -26.21
N ASP B 107 16.17 -2.21 -25.71
CA ASP B 107 15.88 -0.80 -26.01
C ASP B 107 16.45 -0.63 -27.41
N PRO B 108 15.58 -0.31 -28.39
CA PRO B 108 16.01 -0.12 -29.78
C PRO B 108 17.00 1.01 -30.03
N GLU B 109 17.11 1.93 -29.09
CA GLU B 109 18.02 3.04 -29.25
C GLU B 109 19.39 2.78 -28.62
N THR B 110 19.40 2.52 -27.32
CA THR B 110 20.65 2.26 -26.60
C THR B 110 21.18 0.88 -26.91
N LYS B 111 20.30 -0.01 -27.35
CA LYS B 111 20.66 -1.39 -27.68
C LYS B 111 20.87 -2.22 -26.42
N ARG B 112 20.65 -1.62 -25.25
CA ARG B 112 20.81 -2.37 -24.02
C ARG B 112 19.71 -3.43 -23.92
N ILE B 113 20.09 -4.62 -23.49
CA ILE B 113 19.14 -5.73 -23.34
C ILE B 113 18.85 -5.97 -21.87
N PHE B 114 17.57 -6.07 -21.53
CA PHE B 114 17.16 -6.26 -20.15
C PHE B 114 16.50 -7.61 -19.88
N SER B 115 16.80 -8.17 -18.71
CA SER B 115 16.18 -9.41 -18.25
C SER B 115 15.60 -9.04 -16.88
N ILE B 116 14.28 -9.08 -16.76
CA ILE B 116 13.64 -8.74 -15.48
C ILE B 116 12.97 -10.02 -15.00
N TYR B 117 13.24 -10.37 -13.75
CA TYR B 117 12.72 -11.62 -13.18
C TYR B 117 12.40 -11.54 -11.69
N ASP B 118 11.72 -12.56 -11.17
CA ASP B 118 11.35 -12.58 -9.76
C ASP B 118 12.49 -13.04 -8.87
N PHE B 120 13.08 -14.44 -4.67
CA PHE B 120 12.54 -14.80 -3.36
C PHE B 120 13.68 -15.35 -2.52
N PRO B 121 13.65 -15.09 -1.21
CA PRO B 121 14.74 -15.62 -0.40
C PRO B 121 14.48 -17.12 -0.27
N GLU B 122 15.39 -17.84 0.37
CA GLU B 122 15.27 -19.29 0.55
C GLU B 122 13.85 -19.72 0.97
N GLY B 123 13.31 -20.72 0.27
CA GLY B 123 11.97 -21.19 0.61
C GLY B 123 11.22 -21.72 -0.61
N LYS B 124 9.90 -21.72 -0.55
CA LYS B 124 9.08 -22.21 -1.66
C LYS B 124 8.52 -21.12 -2.58
N GLY B 125 9.29 -20.03 -2.75
CA GLY B 125 8.86 -18.96 -3.62
C GLY B 125 7.45 -18.41 -3.45
N ILE B 126 6.73 -18.26 -4.56
CA ILE B 126 5.38 -17.72 -4.53
C ILE B 126 4.41 -18.64 -3.80
N PHE B 127 4.82 -19.90 -3.64
CA PHE B 127 3.99 -20.88 -2.95
C PHE B 127 4.38 -21.02 -1.48
N GLY B 128 5.16 -20.06 -0.99
CA GLY B 128 5.59 -20.07 0.40
C GLY B 128 5.36 -18.72 1.04
N SER B 130 4.33 -15.69 3.03
CA SER B 130 3.90 -15.60 4.43
C SER B 130 2.55 -14.90 4.58
N SER B 131 1.93 -15.10 5.74
CA SER B 131 0.63 -14.49 6.01
C SER B 131 0.80 -13.04 6.48
N GLN B 132 1.91 -12.77 7.17
CA GLN B 132 2.16 -11.42 7.67
C GLN B 132 3.26 -10.67 6.93
N LYS B 133 2.98 -9.41 6.61
CA LYS B 133 3.93 -8.57 5.90
C LYS B 133 5.18 -8.24 6.71
N GLU B 134 6.32 -8.21 6.02
CA GLU B 134 7.58 -7.84 6.62
C GLU B 134 8.10 -6.70 5.75
N GLU B 135 8.32 -5.53 6.35
CA GLU B 135 8.83 -4.37 5.62
C GLU B 135 10.17 -4.76 5.00
N ALA B 136 10.32 -4.49 3.70
CA ALA B 136 11.56 -4.85 3.01
C ALA B 136 12.51 -3.69 2.84
N TYR B 137 12.00 -2.47 2.90
CA TYR B 137 12.84 -1.30 2.72
C TYR B 137 12.53 -0.17 3.69
N LYS B 138 13.48 0.73 3.84
CA LYS B 138 13.29 1.88 4.70
C LYS B 138 13.96 3.08 4.05
N LYS B 139 13.24 4.19 4.01
CA LYS B 139 13.78 5.40 3.41
C LYS B 139 14.39 6.25 4.51
N ILE B 140 15.68 6.55 4.35
CA ILE B 140 16.41 7.36 5.32
C ILE B 140 16.99 8.58 4.64
N ASP B 141 16.49 9.74 5.01
CA ASP B 141 16.94 11.02 4.45
C ASP B 141 16.94 11.02 2.93
N GLY B 142 15.87 10.51 2.33
CA GLY B 142 15.76 10.50 0.88
C GLY B 142 16.33 9.28 0.17
N LYS B 143 17.02 8.42 0.91
CA LYS B 143 17.60 7.21 0.33
C LYS B 143 16.87 5.96 0.78
N THR B 144 16.58 5.08 -0.18
CA THR B 144 15.90 3.83 0.14
C THR B 144 16.94 2.72 0.33
N TYR B 145 16.92 2.10 1.50
CA TYR B 145 17.85 1.02 1.80
C TYR B 145 17.08 -0.26 2.09
N GLN B 146 17.65 -1.39 1.69
CA GLN B 146 16.99 -2.66 1.97
C GLN B 146 17.21 -3.00 3.44
N ILE B 147 16.17 -3.53 4.07
CA ILE B 147 16.20 -3.89 5.48
C ILE B 147 16.75 -5.28 5.77
N LEU B 148 17.32 -5.43 6.95
CA LEU B 148 17.84 -6.72 7.42
C LEU B 148 17.29 -6.95 8.80
N TYR B 149 16.86 -8.18 9.07
CA TYR B 149 16.31 -8.56 10.36
C TYR B 149 17.28 -9.48 11.09
N ARG B 150 17.36 -9.31 12.41
CA ARG B 150 18.22 -10.11 13.26
C ARG B 150 17.31 -10.74 14.31
N GLU B 151 17.29 -12.06 14.40
CA GLU B 151 16.42 -12.74 15.36
C GLU B 151 16.60 -12.21 16.79
N GLY B 152 15.49 -12.01 17.48
CA GLY B 152 15.54 -11.52 18.85
C GLY B 152 15.47 -10.00 18.94
N GLU B 153 15.64 -9.33 17.81
CA GLU B 153 15.58 -7.87 17.76
C GLU B 153 14.46 -7.42 16.83
N LYS B 154 13.66 -6.47 17.29
CA LYS B 154 12.53 -5.96 16.52
C LYS B 154 12.91 -4.92 15.46
N GLY B 155 13.93 -4.13 15.77
CA GLY B 155 14.38 -3.08 14.88
C GLY B 155 14.88 -3.49 13.51
N ALA B 156 14.79 -2.57 12.56
CA ALA B 156 15.24 -2.83 11.20
C ALA B 156 16.65 -2.33 10.93
N TYR B 157 17.56 -3.25 10.63
CA TYR B 157 18.92 -2.88 10.28
C TYR B 157 18.82 -2.46 8.82
N THR B 158 19.82 -1.77 8.29
CA THR B 158 19.78 -1.37 6.89
C THR B 158 21.08 -1.59 6.16
N ILE B 159 20.98 -1.92 4.88
CA ILE B 159 22.15 -2.14 4.03
C ILE B 159 22.40 -0.82 3.33
N ARG B 160 23.46 -0.13 3.71
CA ARG B 160 23.74 1.16 3.11
C ARG B 160 24.91 1.15 2.12
N GLU B 161 25.48 2.32 1.88
CA GLU B 161 26.58 2.45 0.95
C GLU B 161 27.68 1.42 1.18
N ASN B 162 28.19 0.86 0.09
CA ASN B 162 29.24 -0.14 0.14
C ASN B 162 28.79 -1.45 0.79
N GLY B 163 27.50 -1.54 1.10
CA GLY B 163 26.98 -2.76 1.72
C GLY B 163 27.14 -2.80 3.21
N THR B 164 27.65 -1.73 3.81
CA THR B 164 27.84 -1.69 5.25
C THR B 164 26.49 -1.79 5.95
N VAL B 165 26.39 -2.69 6.92
CA VAL B 165 25.16 -2.88 7.68
C VAL B 165 25.06 -1.90 8.85
N TYR B 166 23.97 -1.14 8.90
CA TYR B 166 23.75 -0.17 9.97
C TYR B 166 22.67 -0.66 10.93
N THR B 167 22.84 -0.32 12.21
CA THR B 167 21.88 -0.72 13.24
C THR B 167 20.57 0.04 13.07
N PRO B 168 19.49 -0.42 13.72
CA PRO B 168 18.21 0.26 13.60
C PRO B 168 18.27 1.75 13.96
N ASP B 169 19.10 2.09 14.94
CA ASP B 169 19.23 3.49 15.34
C ASP B 169 20.24 4.27 14.51
N GLY B 170 20.68 3.68 13.39
CA GLY B 170 21.59 4.35 12.49
C GLY B 170 23.09 4.32 12.74
N LYS B 171 23.58 3.26 13.37
CA LYS B 171 25.01 3.15 13.66
C LYS B 171 25.65 2.10 12.76
N ALA B 172 26.81 2.43 12.19
CA ALA B 172 27.52 1.50 11.33
C ALA B 172 28.07 0.34 12.14
N THR B 173 27.96 -0.87 11.60
CA THR B 173 28.45 -2.06 12.28
C THR B 173 29.66 -2.61 11.55
N ASP B 174 30.17 -3.73 12.03
CA ASP B 174 31.33 -4.38 11.42
C ASP B 174 30.86 -5.37 10.36
N TYR B 175 29.55 -5.46 10.17
CA TYR B 175 28.98 -6.37 9.18
C TYR B 175 28.83 -5.71 7.81
N ARG B 176 29.00 -6.50 6.76
CA ARG B 176 28.90 -5.98 5.41
C ARG B 176 28.25 -6.99 4.48
N VAL B 177 27.47 -6.48 3.52
CA VAL B 177 26.79 -7.32 2.54
C VAL B 177 27.45 -7.15 1.19
N VAL B 178 27.58 -8.25 0.44
CA VAL B 178 28.17 -8.15 -0.89
C VAL B 178 27.06 -7.61 -1.79
N VAL B 179 27.08 -6.30 -2.02
CA VAL B 179 26.09 -5.64 -2.86
C VAL B 179 26.60 -5.52 -4.30
N ASP B 180 27.90 -5.70 -4.47
CA ASP B 180 28.53 -5.65 -5.79
C ASP B 180 29.21 -7.00 -5.98
N PRO B 181 28.42 -8.05 -6.23
CA PRO B 181 28.91 -9.41 -6.44
C PRO B 181 29.87 -9.48 -7.61
N VAL B 182 30.85 -10.38 -7.52
CA VAL B 182 31.85 -10.52 -8.57
C VAL B 182 32.07 -11.95 -9.04
N LYS B 183 31.44 -12.91 -8.39
CA LYS B 183 31.62 -14.31 -8.79
C LYS B 183 30.76 -14.65 -10.00
N PRO B 184 31.10 -15.72 -10.71
CA PRO B 184 30.31 -16.10 -11.88
C PRO B 184 28.85 -16.31 -11.47
N ALA B 185 27.94 -15.81 -12.29
CA ALA B 185 26.50 -15.92 -12.03
C ALA B 185 26.10 -15.09 -10.81
N TYR B 186 27.06 -14.31 -10.30
CA TYR B 186 26.85 -13.46 -9.14
C TYR B 186 26.32 -14.26 -7.96
N SER B 187 26.85 -15.48 -7.81
CA SER B 187 26.45 -16.40 -6.75
C SER B 187 26.82 -15.88 -5.37
N ASP B 188 27.62 -14.82 -5.32
CA ASP B 188 28.03 -14.25 -4.05
C ASP B 188 27.16 -13.07 -3.62
N LYS B 189 26.16 -12.73 -4.43
CA LYS B 189 25.29 -11.61 -4.05
C LYS B 189 24.58 -11.93 -2.74
N GLY B 190 24.61 -10.98 -1.81
CA GLY B 190 23.95 -11.19 -0.53
C GLY B 190 24.83 -11.81 0.53
N ASP B 191 26.04 -12.22 0.18
CA ASP B 191 26.92 -12.82 1.18
C ASP B 191 27.09 -11.82 2.32
N LEU B 192 27.06 -12.35 3.54
CA LEU B 192 27.18 -11.54 4.74
C LEU B 192 28.54 -11.76 5.36
N TYR B 193 29.29 -10.68 5.47
CA TYR B 193 30.63 -10.72 6.05
C TYR B 193 30.69 -10.00 7.39
N LYS B 194 31.70 -10.37 8.17
CA LYS B 194 31.97 -9.76 9.46
C LYS B 194 33.42 -9.38 9.26
N GLY B 195 33.64 -8.19 8.72
CA GLY B 195 34.99 -7.75 8.44
C GLY B 195 35.46 -8.43 7.17
N ASN B 196 36.42 -9.34 7.30
CA ASN B 196 36.94 -10.05 6.14
C ASN B 196 36.51 -11.53 6.14
N GLN B 197 35.71 -11.92 7.13
CA GLN B 197 35.26 -13.30 7.24
C GLN B 197 33.84 -13.48 6.71
N LEU B 198 33.66 -14.48 5.84
CA LEU B 198 32.35 -14.79 5.27
C LEU B 198 31.56 -15.57 6.33
N LEU B 199 30.40 -15.05 6.71
CA LEU B 199 29.59 -15.69 7.73
C LEU B 199 28.36 -16.42 7.21
N GLY B 200 27.72 -15.84 6.20
CA GLY B 200 26.53 -16.47 5.64
C GLY B 200 25.95 -15.68 4.50
N ASN B 201 24.63 -15.65 4.39
CA ASN B 201 23.99 -14.91 3.30
C ASN B 201 22.64 -14.38 3.76
N ILE B 202 22.36 -13.12 3.41
CA ILE B 202 21.10 -12.50 3.82
C ILE B 202 19.86 -13.09 3.16
N TYR B 203 20.04 -13.97 2.19
CA TYR B 203 18.93 -14.60 1.50
C TYR B 203 18.60 -15.97 2.12
N PHE B 204 19.42 -16.42 3.06
CA PHE B 204 19.21 -17.69 3.74
C PHE B 204 18.16 -17.48 4.84
N THR B 205 17.24 -18.43 4.96
CA THR B 205 16.18 -18.30 5.97
C THR B 205 16.15 -19.41 7.01
N THR B 206 16.92 -20.47 6.80
CA THR B 206 16.95 -21.58 7.76
C THR B 206 18.38 -21.96 8.11
N ASN B 207 18.56 -22.56 9.30
CA ASN B 207 19.88 -22.99 9.75
C ASN B 207 20.94 -21.96 9.38
N LYS B 208 20.64 -20.69 9.63
CA LYS B 208 21.57 -19.61 9.29
C LYS B 208 22.86 -19.61 10.08
N THR B 209 23.92 -19.12 9.45
CA THR B 209 25.23 -19.03 10.10
C THR B 209 25.60 -17.56 10.32
N SER B 210 24.76 -16.66 9.83
CA SER B 210 24.98 -15.22 10.01
C SER B 210 23.76 -14.70 10.78
N PRO B 211 23.86 -13.48 11.32
CA PRO B 211 22.73 -12.93 12.09
C PRO B 211 21.61 -12.25 11.30
N PHE B 212 21.84 -11.97 10.02
CA PHE B 212 20.86 -11.24 9.22
C PHE B 212 20.17 -11.89 8.03
N ARG B 213 18.95 -11.44 7.76
CA ARG B 213 18.17 -11.92 6.62
C ARG B 213 17.30 -10.77 6.12
N ILE B 214 16.98 -10.78 4.82
CA ILE B 214 16.12 -9.74 4.28
C ILE B 214 14.68 -10.14 4.60
N ALA B 215 13.74 -9.26 4.28
CA ALA B 215 12.33 -9.55 4.55
C ALA B 215 11.87 -10.73 3.70
N LYS B 216 11.02 -11.58 4.26
CA LYS B 216 10.51 -12.72 3.49
C LYS B 216 9.37 -12.17 2.63
N ASP B 217 9.71 -11.77 1.42
CA ASP B 217 8.72 -11.19 0.52
C ASP B 217 8.99 -11.58 -0.93
N SER B 218 8.30 -10.89 -1.84
CA SER B 218 8.41 -11.11 -3.27
C SER B 218 9.19 -9.92 -3.83
N TYR B 219 10.21 -10.18 -4.62
CA TYR B 219 11.05 -9.12 -5.19
C TYR B 219 11.16 -9.19 -6.69
N LEU B 220 11.55 -8.08 -7.30
CA LEU B 220 11.72 -8.00 -8.74
C LEU B 220 13.14 -7.52 -9.02
N TRP B 221 13.89 -8.31 -9.78
CA TRP B 221 15.28 -8.00 -10.11
C TRP B 221 15.48 -7.75 -11.60
N SER B 223 18.71 -7.40 -14.73
CA SER B 223 20.09 -7.50 -15.17
C SER B 223 20.11 -7.03 -16.61
N TYR B 224 21.19 -6.39 -17.03
CA TYR B 224 21.25 -5.93 -18.41
C TYR B 224 22.55 -6.30 -19.10
N SER B 225 22.49 -6.33 -20.42
CA SER B 225 23.65 -6.66 -21.24
C SER B 225 23.85 -5.58 -22.28
N ASP B 226 25.10 -5.12 -22.42
CA ASP B 226 25.45 -4.10 -23.40
C ASP B 226 26.22 -4.73 -24.56
N ASP B 227 26.36 -6.05 -24.53
CA ASP B 227 27.09 -6.74 -25.60
C ASP B 227 26.31 -7.87 -26.26
N ASP B 228 25.05 -7.59 -26.58
CA ASP B 228 24.19 -8.54 -27.28
C ASP B 228 23.93 -9.85 -26.52
N GLY B 229 23.91 -9.78 -25.19
CA GLY B 229 23.63 -10.96 -24.39
C GLY B 229 24.78 -11.83 -23.95
N LYS B 230 26.01 -11.45 -24.33
CA LYS B 230 27.17 -12.25 -23.95
C LYS B 230 27.51 -12.12 -22.47
N THR B 231 27.45 -10.91 -21.94
CA THR B 231 27.74 -10.70 -20.53
C THR B 231 26.63 -9.86 -19.92
N TRP B 232 26.43 -10.03 -18.62
CA TRP B 232 25.39 -9.31 -17.91
C TRP B 232 25.88 -8.61 -16.65
N SER B 233 25.22 -7.51 -16.31
CA SER B 233 25.53 -6.73 -15.13
C SER B 233 25.07 -7.52 -13.92
N ALA B 234 25.47 -7.07 -12.73
CA ALA B 234 25.04 -7.70 -11.49
C ALA B 234 23.57 -7.31 -11.35
N PRO B 235 22.78 -8.14 -10.66
CA PRO B 235 21.35 -7.84 -10.48
C PRO B 235 21.06 -6.54 -9.76
N GLN B 236 20.07 -5.81 -10.24
CA GLN B 236 19.66 -4.57 -9.59
C GLN B 236 18.26 -4.83 -9.05
N ASP B 237 18.04 -4.48 -7.78
CA ASP B 237 16.75 -4.66 -7.14
C ASP B 237 15.82 -3.51 -7.50
N ILE B 238 14.90 -3.73 -8.44
CA ILE B 238 13.99 -2.66 -8.82
C ILE B 238 12.67 -2.67 -8.04
N THR B 239 12.54 -3.62 -7.13
CA THR B 239 11.33 -3.74 -6.32
C THR B 239 10.80 -2.45 -5.69
N PRO B 240 11.69 -1.68 -5.03
CA PRO B 240 11.22 -0.44 -4.40
C PRO B 240 10.63 0.63 -5.31
N VAL B 242 8.63 -0.03 -7.90
CA VAL B 242 7.35 -0.44 -8.44
C VAL B 242 6.40 -1.23 -7.55
N LYS B 243 6.86 -1.70 -6.41
CA LYS B 243 5.99 -2.49 -5.53
C LYS B 243 5.32 -1.64 -4.47
N ALA B 244 3.99 -1.56 -4.55
CA ALA B 244 3.19 -0.80 -3.60
C ALA B 244 3.17 -1.50 -2.24
N ASP B 245 2.89 -0.75 -1.20
CA ASP B 245 2.86 -1.30 0.15
C ASP B 245 1.83 -2.40 0.39
N TRP B 246 0.77 -2.41 -0.41
CA TRP B 246 -0.27 -3.42 -0.24
C TRP B 246 0.00 -4.72 -1.00
N LYS B 248 1.31 -8.17 -2.24
CA LYS B 248 1.90 -9.34 -1.61
C LYS B 248 2.87 -9.83 -2.69
N PHE B 249 2.36 -10.59 -3.64
CA PHE B 249 3.20 -11.05 -4.73
C PHE B 249 3.22 -10.00 -5.84
N LEU B 250 4.39 -9.82 -6.45
CA LEU B 250 4.55 -8.93 -7.61
C LEU B 250 5.60 -9.65 -8.43
N GLY B 251 5.19 -10.15 -9.59
CA GLY B 251 6.11 -10.85 -10.46
C GLY B 251 5.80 -10.60 -11.92
N VAL B 252 6.72 -11.01 -12.79
CA VAL B 252 6.54 -10.78 -14.21
C VAL B 252 5.61 -11.77 -14.90
N GLY B 253 5.08 -11.32 -16.04
CA GLY B 253 4.28 -12.17 -16.89
C GLY B 253 5.41 -12.55 -17.83
N PRO B 254 6.05 -13.72 -17.63
CA PRO B 254 7.17 -14.16 -18.46
C PRO B 254 6.98 -14.17 -19.97
N GLY B 255 8.07 -13.85 -20.66
CA GLY B 255 8.05 -13.79 -22.10
C GLY B 255 8.93 -12.65 -22.57
N THR B 256 8.46 -11.93 -23.58
CA THR B 256 9.22 -10.82 -24.12
C THR B 256 8.41 -9.53 -24.13
N GLY B 257 8.97 -8.51 -23.49
CA GLY B 257 8.30 -7.22 -23.41
C GLY B 257 8.44 -6.44 -24.69
N ILE B 258 7.98 -5.19 -24.70
CA ILE B 258 8.05 -4.38 -25.90
C ILE B 258 8.43 -2.95 -25.61
N VAL B 259 8.76 -2.22 -26.67
CA VAL B 259 9.09 -0.81 -26.57
C VAL B 259 8.09 -0.18 -27.52
N LEU B 260 7.35 0.82 -27.04
CA LEU B 260 6.34 1.46 -27.88
C LEU B 260 6.97 2.07 -29.12
N ARG B 261 6.35 1.80 -30.26
CA ARG B 261 6.84 2.26 -31.56
C ARG B 261 6.29 3.62 -31.99
N ASN B 262 5.15 3.99 -31.46
CA ASN B 262 4.52 5.24 -31.85
C ASN B 262 3.76 5.91 -30.72
N GLY B 263 3.20 7.08 -31.01
CA GLY B 263 2.45 7.79 -30.00
C GLY B 263 3.31 8.69 -29.13
N PRO B 264 2.69 9.43 -28.22
CA PRO B 264 3.41 10.34 -27.31
C PRO B 264 4.34 9.61 -26.33
N HIS B 265 4.16 8.30 -26.20
CA HIS B 265 4.97 7.52 -25.28
C HIS B 265 5.94 6.61 -26.02
N LYS B 266 6.26 6.99 -27.25
CA LYS B 266 7.20 6.22 -28.07
C LYS B 266 8.50 6.10 -27.29
N GLY B 267 9.07 4.88 -27.28
CA GLY B 267 10.31 4.65 -26.57
C GLY B 267 10.12 4.03 -25.20
N ARG B 268 8.89 4.06 -24.71
CA ARG B 268 8.59 3.49 -23.39
C ARG B 268 8.71 1.98 -23.42
N ILE B 269 9.38 1.42 -22.42
CA ILE B 269 9.55 -0.01 -22.30
C ILE B 269 8.43 -0.54 -21.42
N LEU B 270 7.70 -1.55 -21.90
CA LEU B 270 6.60 -2.14 -21.13
C LEU B 270 6.92 -3.58 -20.76
N ILE B 271 6.73 -3.91 -19.49
CA ILE B 271 7.00 -5.24 -18.95
C ILE B 271 5.75 -5.79 -18.29
N PRO B 272 5.20 -6.90 -18.80
CA PRO B 272 3.99 -7.43 -18.15
C PRO B 272 4.33 -7.96 -16.76
N VAL B 273 3.45 -7.69 -15.79
CA VAL B 273 3.63 -8.19 -14.44
C VAL B 273 2.25 -8.45 -13.87
N TYR B 274 2.19 -9.09 -12.70
CA TYR B 274 0.91 -9.32 -12.06
C TYR B 274 1.12 -9.35 -10.55
N THR B 275 0.07 -9.08 -9.81
CA THR B 275 0.16 -9.03 -8.36
C THR B 275 -0.94 -9.83 -7.67
N THR B 276 -0.79 -9.96 -6.35
CA THR B 276 -1.80 -10.59 -5.51
C THR B 276 -1.87 -9.66 -4.31
N ASN B 277 -2.97 -9.69 -3.58
CA ASN B 277 -3.11 -8.84 -2.39
C ASN B 277 -3.17 -9.73 -1.16
N ASN B 278 -3.20 -9.12 0.02
CA ASN B 278 -3.23 -9.87 1.28
C ASN B 278 -4.62 -10.35 1.65
N VAL B 279 -5.62 -9.92 0.90
CA VAL B 279 -7.00 -10.33 1.17
C VAL B 279 -7.28 -11.74 0.67
N SER B 280 -6.97 -12.01 -0.60
CA SER B 280 -7.22 -13.34 -1.16
C SER B 280 -6.01 -13.99 -1.83
N HIS B 281 -4.90 -13.27 -1.91
CA HIS B 281 -3.67 -13.80 -2.48
C HIS B 281 -3.88 -14.55 -3.79
N LEU B 282 -3.41 -15.79 -3.87
CA LEU B 282 -3.51 -16.57 -5.10
C LEU B 282 -4.88 -17.14 -5.43
N ASN B 283 -5.80 -17.11 -4.47
CA ASN B 283 -7.13 -17.66 -4.70
C ASN B 283 -8.11 -16.74 -5.41
N GLY B 284 -7.93 -15.43 -5.27
CA GLY B 284 -8.85 -14.53 -5.93
C GLY B 284 -8.38 -13.12 -6.20
N SER B 285 -7.08 -12.89 -6.29
CA SER B 285 -6.62 -11.53 -6.55
C SER B 285 -5.54 -11.36 -7.61
N GLN B 286 -5.11 -12.44 -8.25
CA GLN B 286 -4.09 -12.30 -9.29
C GLN B 286 -4.59 -11.28 -10.30
N SER B 287 -3.80 -10.23 -10.53
CA SER B 287 -4.18 -9.13 -11.42
C SER B 287 -3.05 -8.66 -12.33
N SER B 288 -3.34 -8.61 -13.64
CA SER B 288 -2.35 -8.16 -14.61
C SER B 288 -2.20 -6.65 -14.65
N ARG B 289 -1.01 -6.21 -15.05
CA ARG B 289 -0.69 -4.81 -15.23
C ARG B 289 0.70 -4.78 -15.85
N ILE B 290 1.25 -3.59 -16.08
CA ILE B 290 2.60 -3.53 -16.62
C ILE B 290 3.42 -2.55 -15.78
N ILE B 291 4.74 -2.66 -15.88
CA ILE B 291 5.59 -1.67 -15.23
C ILE B 291 6.28 -1.11 -16.46
N TYR B 292 6.77 0.12 -16.39
CA TYR B 292 7.39 0.72 -17.57
C TYR B 292 8.54 1.64 -17.23
N SER B 293 9.31 1.97 -18.25
CA SER B 293 10.44 2.89 -18.11
C SER B 293 10.48 3.85 -19.29
N ASP B 294 10.54 5.14 -18.98
CA ASP B 294 10.61 6.15 -20.03
C ASP B 294 12.03 6.69 -20.16
N ASP B 295 12.97 6.14 -19.40
CA ASP B 295 14.35 6.60 -19.48
C ASP B 295 15.34 5.50 -19.82
N HIS B 296 14.94 4.65 -20.75
CA HIS B 296 15.78 3.54 -21.22
C HIS B 296 16.21 2.55 -20.16
N GLY B 297 15.31 2.27 -19.21
CA GLY B 297 15.61 1.29 -18.18
C GLY B 297 16.25 1.77 -16.89
N LYS B 298 16.59 3.05 -16.80
CA LYS B 298 17.21 3.56 -15.56
C LYS B 298 16.24 3.47 -14.38
N THR B 299 15.02 3.98 -14.58
CA THR B 299 14.02 3.93 -13.51
C THR B 299 12.75 3.28 -14.02
N TRP B 300 11.98 2.68 -13.12
CA TRP B 300 10.76 1.99 -13.48
C TRP B 300 9.57 2.50 -12.70
N HIS B 301 8.38 2.37 -13.30
CA HIS B 301 7.13 2.82 -12.69
C HIS B 301 6.03 1.81 -12.95
N ALA B 302 5.14 1.66 -11.98
CA ALA B 302 4.04 0.72 -12.14
C ALA B 302 2.82 1.41 -12.74
N GLY B 303 2.22 0.74 -13.72
CA GLY B 303 1.01 1.27 -14.33
C GLY B 303 -0.09 0.77 -13.40
N GLU B 304 -1.34 1.09 -13.70
CA GLU B 304 -2.44 0.64 -12.87
C GLU B 304 -2.91 -0.75 -13.30
N ALA B 305 -3.58 -1.48 -12.43
CA ALA B 305 -4.05 -2.82 -12.77
C ALA B 305 -5.29 -2.74 -13.65
N VAL B 306 -5.43 -3.71 -14.54
CA VAL B 306 -6.58 -3.79 -15.42
C VAL B 306 -7.82 -3.86 -14.51
N ASN B 307 -7.68 -4.60 -13.41
CA ASN B 307 -8.75 -4.79 -12.44
C ASN B 307 -9.09 -3.59 -11.54
N ASP B 308 -8.27 -2.55 -11.58
CA ASP B 308 -8.55 -1.37 -10.74
C ASP B 308 -9.79 -0.62 -11.26
N ASN B 309 -10.81 -0.54 -10.41
CA ASN B 309 -12.08 0.10 -10.73
C ASN B 309 -12.81 -0.61 -11.84
N ARG B 310 -12.54 -1.91 -11.99
CA ARG B 310 -13.19 -2.71 -13.01
C ARG B 310 -14.55 -3.20 -12.50
N GLN B 311 -15.55 -3.18 -13.37
CA GLN B 311 -16.87 -3.65 -12.98
C GLN B 311 -16.91 -5.17 -13.13
N VAL B 312 -17.14 -5.87 -12.03
CA VAL B 312 -17.19 -7.32 -12.01
C VAL B 312 -18.43 -7.82 -11.29
N ASP B 313 -19.08 -8.82 -11.89
CA ASP B 313 -20.29 -9.41 -11.32
C ASP B 313 -21.24 -8.31 -10.82
N GLY B 314 -21.26 -7.19 -11.54
CA GLY B 314 -22.13 -6.10 -11.18
C GLY B 314 -21.58 -5.02 -10.27
N GLN B 315 -20.39 -5.22 -9.71
CA GLN B 315 -19.82 -4.23 -8.81
C GLN B 315 -18.36 -3.92 -9.14
N LYS B 316 -17.85 -2.82 -8.60
CA LYS B 316 -16.46 -2.40 -8.84
C LYS B 316 -15.51 -3.10 -7.88
N ILE B 317 -14.31 -3.42 -8.37
CA ILE B 317 -13.30 -4.06 -7.55
C ILE B 317 -12.00 -3.29 -7.71
N HIS B 318 -10.97 -3.67 -6.96
CA HIS B 318 -9.66 -3.05 -7.04
C HIS B 318 -8.69 -4.19 -6.80
N SER B 319 -7.56 -4.20 -7.51
CA SER B 319 -6.59 -5.27 -7.38
C SER B 319 -6.09 -5.47 -5.94
N SER B 320 -6.09 -4.42 -5.14
CA SER B 320 -5.60 -4.52 -3.77
C SER B 320 -6.60 -5.12 -2.78
N THR B 321 -7.86 -5.21 -3.17
CA THR B 321 -8.88 -5.71 -2.25
C THR B 321 -9.80 -6.79 -2.79
N ASN B 323 -11.46 -10.26 -4.35
CA ASN B 323 -11.52 -11.67 -3.97
C ASN B 323 -12.54 -12.27 -4.91
N ASN B 324 -12.14 -12.44 -6.16
CA ASN B 324 -13.01 -12.98 -7.18
C ASN B 324 -12.18 -13.83 -8.11
N ARG B 325 -12.34 -15.15 -7.99
CA ARG B 325 -11.57 -16.09 -8.80
C ARG B 325 -11.65 -15.85 -10.31
N ARG B 326 -12.87 -15.75 -10.82
CA ARG B 326 -13.10 -15.57 -12.25
C ARG B 326 -12.68 -14.21 -12.81
N ALA B 327 -12.49 -13.22 -11.94
CA ALA B 327 -12.08 -11.89 -12.39
C ALA B 327 -10.56 -11.71 -12.42
N GLN B 328 -9.83 -12.75 -12.02
CA GLN B 328 -8.38 -12.65 -12.03
C GLN B 328 -7.85 -12.65 -13.47
N ASN B 329 -6.67 -12.06 -13.64
CA ASN B 329 -5.95 -12.07 -14.91
C ASN B 329 -4.53 -12.13 -14.38
N THR B 330 -3.73 -13.05 -14.88
CA THR B 330 -2.38 -13.23 -14.36
C THR B 330 -1.27 -12.89 -15.33
N GLU B 331 -0.49 -13.87 -15.73
CA GLU B 331 0.58 -13.67 -16.68
C GLU B 331 -0.06 -13.13 -17.96
N SER B 332 0.60 -12.18 -18.61
CA SER B 332 0.06 -11.58 -19.82
C SER B 332 1.14 -11.26 -20.83
N THR B 333 0.72 -10.90 -22.03
CA THR B 333 1.63 -10.53 -23.11
C THR B 333 1.08 -9.22 -23.68
N VAL B 334 1.97 -8.30 -23.99
CA VAL B 334 1.58 -6.96 -24.43
C VAL B 334 1.99 -6.60 -25.86
N VAL B 335 1.09 -5.90 -26.56
CA VAL B 335 1.30 -5.49 -27.94
C VAL B 335 0.78 -4.08 -28.19
N GLN B 336 1.49 -3.30 -29.01
CA GLN B 336 1.00 -1.96 -29.33
C GLN B 336 0.56 -1.94 -30.79
N LEU B 337 -0.60 -1.33 -31.04
CA LEU B 337 -1.12 -1.23 -32.39
C LEU B 337 -0.59 0.02 -33.06
N ASN B 338 -0.73 0.11 -34.38
CA ASN B 338 -0.26 1.28 -35.09
C ASN B 338 -1.07 2.51 -34.68
N ASN B 339 -2.30 2.32 -34.22
CA ASN B 339 -3.12 3.45 -33.80
C ASN B 339 -2.70 3.98 -32.43
N GLY B 340 -1.69 3.36 -31.84
CA GLY B 340 -1.20 3.80 -30.56
C GLY B 340 -1.69 3.05 -29.33
N ASP B 341 -2.80 2.33 -29.47
CA ASP B 341 -3.35 1.59 -28.35
C ASP B 341 -2.49 0.40 -27.97
N VAL B 342 -2.55 0.03 -26.69
CA VAL B 342 -1.79 -1.09 -26.16
C VAL B 342 -2.80 -2.17 -25.77
N LYS B 343 -2.57 -3.39 -26.26
CA LYS B 343 -3.45 -4.51 -25.94
C LYS B 343 -2.74 -5.45 -25.00
N LEU B 344 -3.44 -5.93 -23.98
CA LEU B 344 -2.85 -6.85 -23.02
C LEU B 344 -3.65 -8.14 -23.04
N PHE B 345 -3.03 -9.20 -23.54
CA PHE B 345 -3.66 -10.52 -23.61
C PHE B 345 -3.30 -11.19 -22.30
N ARG B 347 -3.72 -14.24 -19.24
CA ARG B 347 -4.07 -15.60 -18.85
C ARG B 347 -5.20 -15.47 -17.84
N GLY B 348 -6.25 -16.25 -18.02
CA GLY B 348 -7.39 -16.16 -17.12
C GLY B 348 -8.16 -17.46 -16.96
N LEU B 349 -9.30 -17.37 -16.29
CA LEU B 349 -10.12 -18.54 -16.01
C LEU B 349 -11.51 -18.55 -16.64
N THR B 350 -11.66 -17.90 -17.80
CA THR B 350 -12.96 -17.88 -18.48
C THR B 350 -13.03 -18.94 -19.56
N GLY B 351 -11.91 -19.59 -19.84
CA GLY B 351 -11.90 -20.62 -20.86
C GLY B 351 -11.58 -20.05 -22.23
N ASP B 352 -11.61 -18.73 -22.36
CA ASP B 352 -11.30 -18.08 -23.63
C ASP B 352 -10.40 -16.86 -23.47
N LEU B 353 -9.95 -16.32 -24.59
CA LEU B 353 -9.03 -15.20 -24.61
C LEU B 353 -9.58 -13.88 -24.11
N GLN B 354 -8.94 -13.34 -23.08
CA GLN B 354 -9.32 -12.06 -22.47
C GLN B 354 -8.32 -10.99 -22.87
N VAL B 355 -8.81 -9.85 -23.33
CA VAL B 355 -7.93 -8.77 -23.77
C VAL B 355 -8.33 -7.39 -23.23
N ALA B 356 -7.36 -6.69 -22.66
CA ALA B 356 -7.59 -5.35 -22.12
C ALA B 356 -6.94 -4.35 -23.07
N THR B 357 -7.41 -3.11 -23.04
CA THR B 357 -6.89 -2.07 -23.92
C THR B 357 -6.52 -0.81 -23.13
N SER B 358 -5.36 -0.24 -23.46
CA SER B 358 -4.91 0.99 -22.81
C SER B 358 -4.71 2.06 -23.87
N LYS B 359 -5.20 3.27 -23.60
CA LYS B 359 -5.06 4.36 -24.54
C LYS B 359 -3.99 5.35 -24.13
N ASP B 360 -3.32 5.09 -23.01
CA ASP B 360 -2.29 5.99 -22.53
C ASP B 360 -0.93 5.36 -22.27
N GLY B 361 -0.52 4.45 -23.16
CA GLY B 361 0.77 3.81 -23.03
C GLY B 361 0.89 2.76 -21.95
N GLY B 362 -0.23 2.16 -21.56
CA GLY B 362 -0.21 1.12 -20.55
C GLY B 362 -0.40 1.51 -19.10
N VAL B 363 -0.65 2.78 -18.83
CA VAL B 363 -0.84 3.22 -17.44
C VAL B 363 -2.24 2.87 -16.94
N THR B 364 -3.26 3.14 -17.76
CA THR B 364 -4.63 2.80 -17.37
C THR B 364 -5.27 1.92 -18.42
N TRP B 365 -6.30 1.18 -18.01
CA TRP B 365 -6.98 0.28 -18.93
C TRP B 365 -8.46 0.63 -19.08
N GLU B 366 -8.95 0.56 -20.31
CA GLU B 366 -10.32 0.89 -20.61
C GLU B 366 -11.32 -0.07 -19.99
N LYS B 367 -12.56 0.38 -19.92
CA LYS B 367 -13.63 -0.42 -19.36
C LYS B 367 -13.96 -1.56 -20.32
N ASP B 368 -14.49 -2.64 -19.76
CA ASP B 368 -14.91 -3.81 -20.53
C ASP B 368 -13.80 -4.61 -21.21
N ILE B 369 -13.34 -5.66 -20.53
CA ILE B 369 -12.32 -6.52 -21.09
C ILE B 369 -13.02 -7.28 -22.21
N LYS B 370 -12.34 -7.46 -23.32
CA LYS B 370 -12.90 -8.17 -24.47
C LYS B 370 -12.56 -9.65 -24.43
N ARG B 371 -13.55 -10.49 -24.70
CA ARG B 371 -13.33 -11.93 -24.72
C ARG B 371 -13.52 -12.45 -26.15
N TYR B 372 -12.66 -13.36 -26.56
CA TYR B 372 -12.72 -13.95 -27.89
C TYR B 372 -12.92 -15.45 -27.79
N PRO B 373 -14.16 -15.91 -27.95
CA PRO B 373 -14.48 -17.33 -27.88
C PRO B 373 -13.73 -18.13 -28.95
N GLN B 374 -13.28 -17.44 -30.00
CA GLN B 374 -12.56 -18.07 -31.10
C GLN B 374 -11.21 -18.63 -30.65
N VAL B 375 -10.67 -18.07 -29.57
CA VAL B 375 -9.38 -18.51 -29.05
C VAL B 375 -9.52 -19.03 -27.62
N LYS B 376 -9.32 -20.33 -27.45
CA LYS B 376 -9.42 -20.94 -26.13
C LYS B 376 -8.23 -20.54 -25.25
N ASP B 377 -8.45 -20.56 -23.94
CA ASP B 377 -7.41 -20.28 -22.95
C ASP B 377 -7.63 -21.31 -21.85
N VAL B 378 -6.76 -22.31 -21.75
CA VAL B 378 -6.90 -23.36 -20.74
C VAL B 378 -6.21 -23.00 -19.43
N TYR B 379 -5.95 -21.71 -19.25
CA TYR B 379 -5.28 -21.17 -18.07
C TYR B 379 -3.80 -21.52 -18.10
N VAL B 380 -3.10 -20.87 -19.03
CA VAL B 380 -1.66 -21.07 -19.19
C VAL B 380 -1.12 -19.84 -19.88
N GLN B 381 0.17 -19.58 -19.71
CA GLN B 381 0.83 -18.43 -20.31
C GLN B 381 0.71 -18.46 -21.83
N SER B 383 1.85 -15.85 -25.59
CA SER B 383 2.67 -14.75 -26.09
C SER B 383 2.01 -14.25 -27.37
N ALA B 384 2.20 -12.97 -27.66
CA ALA B 384 1.63 -12.37 -28.85
C ALA B 384 2.56 -11.27 -29.33
N ILE B 385 2.59 -11.07 -30.66
CA ILE B 385 3.43 -10.05 -31.24
C ILE B 385 2.70 -9.33 -32.35
N HIS B 386 3.07 -8.08 -32.56
CA HIS B 386 2.50 -7.26 -33.62
C HIS B 386 3.29 -7.62 -34.87
N THR B 387 2.66 -7.53 -36.04
CA THR B 387 3.38 -7.79 -37.28
C THR B 387 2.65 -7.17 -38.46
N HIS B 389 2.11 -7.25 -42.76
CA HIS B 389 2.23 -8.11 -43.93
C HIS B 389 1.48 -7.50 -45.10
N GLU B 390 2.23 -7.14 -46.14
CA GLU B 390 1.68 -6.54 -47.34
C GLU B 390 0.82 -5.31 -47.04
N GLY B 391 1.30 -4.47 -46.13
CA GLY B 391 0.58 -3.25 -45.80
C GLY B 391 -0.53 -3.37 -44.78
N LYS B 392 -0.89 -4.59 -44.39
CA LYS B 392 -1.95 -4.77 -43.41
C LYS B 392 -1.40 -5.17 -42.04
N GLU B 393 -2.15 -4.82 -41.01
CA GLU B 393 -1.75 -5.07 -39.62
C GLU B 393 -2.33 -6.36 -39.05
N TYR B 394 -1.48 -7.11 -38.34
CA TYR B 394 -1.89 -8.37 -37.75
C TYR B 394 -1.28 -8.58 -36.38
N ILE B 395 -1.81 -9.55 -35.65
CA ILE B 395 -1.27 -9.94 -34.36
C ILE B 395 -1.21 -11.45 -34.38
N ILE B 396 -0.10 -12.00 -33.93
CA ILE B 396 0.07 -13.45 -33.86
C ILE B 396 0.11 -13.78 -32.38
N LEU B 397 -0.70 -14.75 -31.96
CA LEU B 397 -0.74 -15.14 -30.57
C LEU B 397 -0.67 -16.65 -30.51
N SER B 398 0.20 -17.16 -29.65
CA SER B 398 0.34 -18.60 -29.51
C SER B 398 0.07 -19.06 -28.09
N ASN B 399 -0.62 -20.19 -27.98
CA ASN B 399 -0.93 -20.82 -26.70
C ASN B 399 -1.50 -22.21 -26.93
N ALA B 400 -1.73 -22.93 -25.83
CA ALA B 400 -2.28 -24.28 -25.92
C ALA B 400 -3.70 -24.25 -26.48
N GLY B 401 -3.99 -25.21 -27.36
CA GLY B 401 -5.32 -25.31 -27.94
C GLY B 401 -6.27 -26.09 -27.05
N GLY B 402 -5.71 -26.90 -26.16
CA GLY B 402 -6.53 -27.68 -25.25
C GLY B 402 -6.84 -29.09 -25.71
N PRO B 403 -7.70 -29.81 -24.98
CA PRO B 403 -8.38 -29.39 -23.75
C PRO B 403 -7.47 -29.10 -22.55
N LYS B 404 -6.33 -29.76 -22.48
CA LYS B 404 -5.39 -29.53 -21.38
C LYS B 404 -4.24 -28.69 -21.93
N ARG B 405 -3.09 -28.69 -21.26
CA ARG B 405 -1.97 -27.90 -21.77
C ARG B 405 -1.33 -28.71 -22.87
N GLU B 406 -1.97 -28.69 -24.04
CA GLU B 406 -1.52 -29.45 -25.19
C GLU B 406 -1.94 -28.83 -26.51
N ASN B 407 -1.38 -29.36 -27.60
CA ASN B 407 -1.67 -28.91 -28.95
C ASN B 407 -1.50 -27.41 -29.13
N GLY B 408 -0.25 -26.97 -29.15
CA GLY B 408 0.02 -25.55 -29.32
C GLY B 408 -0.42 -25.04 -30.68
N VAL B 410 -0.91 -21.36 -33.35
CA VAL B 410 -0.50 -19.99 -33.63
C VAL B 410 -1.74 -19.32 -34.19
N HIS B 411 -2.36 -18.46 -33.38
CA HIS B 411 -3.58 -17.76 -33.77
C HIS B 411 -3.23 -16.48 -34.52
N LEU B 412 -3.88 -16.27 -35.66
CA LEU B 412 -3.63 -15.08 -36.47
C LEU B 412 -4.86 -14.19 -36.46
N ALA B 413 -4.66 -12.92 -36.11
CA ALA B 413 -5.76 -11.97 -36.09
C ALA B 413 -5.40 -10.77 -36.95
N ARG B 414 -6.39 -10.25 -37.66
CA ARG B 414 -6.19 -9.07 -38.47
C ARG B 414 -6.65 -7.90 -37.62
N VAL B 415 -5.86 -6.83 -37.59
CA VAL B 415 -6.25 -5.64 -36.83
C VAL B 415 -7.00 -4.77 -37.83
N GLU B 416 -8.32 -4.80 -37.76
CA GLU B 416 -9.17 -4.03 -38.66
C GLU B 416 -8.87 -2.54 -38.57
N GLU B 417 -9.39 -1.78 -39.54
CA GLU B 417 -9.18 -0.34 -39.56
C GLU B 417 -9.81 0.33 -38.34
N ASN B 418 -10.92 -0.24 -37.87
CA ASN B 418 -11.60 0.30 -36.71
C ASN B 418 -10.98 -0.18 -35.40
N GLY B 419 -9.79 -0.77 -35.50
CA GLY B 419 -9.09 -1.24 -34.32
C GLY B 419 -9.53 -2.60 -33.78
N GLU B 420 -10.57 -3.18 -34.37
CA GLU B 420 -11.07 -4.48 -33.94
C GLU B 420 -10.15 -5.61 -34.38
N LEU B 421 -10.25 -6.74 -33.69
CA LEU B 421 -9.45 -7.91 -34.02
C LEU B 421 -10.32 -9.00 -34.64
N THR B 422 -9.92 -9.49 -35.80
CA THR B 422 -10.65 -10.54 -36.48
C THR B 422 -9.74 -11.76 -36.57
N TRP B 423 -10.13 -12.84 -35.90
CA TRP B 423 -9.32 -14.05 -35.93
C TRP B 423 -9.52 -14.79 -37.24
N LEU B 424 -8.40 -14.97 -37.95
CA LEU B 424 -8.38 -15.61 -39.26
C LEU B 424 -7.93 -17.06 -39.30
N LYS B 425 -6.90 -17.41 -38.55
CA LYS B 425 -6.37 -18.78 -38.56
C LYS B 425 -5.98 -19.27 -37.16
N HIS B 426 -5.95 -20.58 -36.98
CA HIS B 426 -5.61 -21.18 -35.69
C HIS B 426 -4.82 -22.47 -35.89
N ASN B 427 -3.85 -22.45 -36.79
CA ASN B 427 -3.06 -23.63 -37.09
C ASN B 427 -2.21 -24.17 -35.95
N PRO B 428 -2.22 -25.50 -35.77
CA PRO B 428 -1.44 -26.15 -34.71
C PRO B 428 0.04 -26.12 -35.07
N ILE B 429 0.89 -25.90 -34.09
CA ILE B 429 2.33 -25.84 -34.34
C ILE B 429 3.08 -26.94 -33.61
N GLN B 430 2.45 -27.52 -32.58
CA GLN B 430 3.07 -28.59 -31.82
C GLN B 430 2.06 -29.49 -31.11
N LYS B 431 1.96 -30.73 -31.59
CA LYS B 431 1.03 -31.69 -30.98
C LYS B 431 1.58 -32.12 -29.63
N GLY B 432 0.70 -32.70 -28.80
CA GLY B 432 1.14 -33.15 -27.49
C GLY B 432 1.24 -32.04 -26.47
N GLU B 433 1.93 -32.31 -25.37
CA GLU B 433 2.10 -31.34 -24.29
C GLU B 433 2.65 -30.03 -24.83
N PHE B 434 2.03 -28.92 -24.42
CA PHE B 434 2.45 -27.60 -24.86
C PHE B 434 2.01 -26.61 -23.80
N ALA B 435 2.95 -25.79 -23.32
CA ALA B 435 2.63 -24.82 -22.29
C ALA B 435 3.14 -23.42 -22.61
N TYR B 436 4.04 -22.89 -21.78
CA TYR B 436 4.56 -21.54 -22.00
C TYR B 436 5.33 -21.42 -23.32
N ASN B 437 5.24 -20.24 -23.93
CA ASN B 437 5.91 -20.00 -25.21
C ASN B 437 6.24 -18.50 -25.41
N SER B 438 7.08 -18.21 -26.40
CA SER B 438 7.48 -16.83 -26.68
C SER B 438 7.74 -16.67 -28.18
N LEU B 439 7.00 -15.76 -28.80
CA LEU B 439 7.11 -15.47 -30.23
C LEU B 439 7.97 -14.26 -30.55
N GLN B 440 8.58 -14.29 -31.73
CA GLN B 440 9.40 -13.20 -32.24
C GLN B 440 9.35 -13.18 -33.75
N GLU B 441 9.30 -11.98 -34.33
CA GLU B 441 9.31 -11.85 -35.77
C GLU B 441 10.79 -11.88 -36.14
N LEU B 442 11.15 -12.68 -37.14
CA LEU B 442 12.54 -12.81 -37.54
C LEU B 442 12.86 -11.96 -38.76
N GLY B 443 11.82 -11.58 -39.50
CA GLY B 443 12.02 -10.78 -40.68
C GLY B 443 11.85 -11.56 -41.96
N ASN B 444 11.63 -10.86 -43.06
CA ASN B 444 11.46 -11.48 -44.36
C ASN B 444 10.32 -12.48 -44.39
N GLY B 445 9.26 -12.19 -43.62
CA GLY B 445 8.11 -13.07 -43.58
C GLY B 445 8.26 -14.30 -42.70
N GLU B 446 9.31 -14.34 -41.89
CA GLU B 446 9.54 -15.49 -41.01
C GLU B 446 9.36 -15.12 -39.54
N TYR B 447 8.98 -16.13 -38.76
CA TYR B 447 8.75 -15.96 -37.33
C TYR B 447 9.36 -17.10 -36.54
N GLY B 448 9.65 -16.85 -35.28
CA GLY B 448 10.23 -17.87 -34.44
C GLY B 448 9.45 -18.03 -33.16
N ILE B 449 9.54 -19.21 -32.55
CA ILE B 449 8.83 -19.46 -31.30
C ILE B 449 9.61 -20.42 -30.42
N LEU B 450 9.73 -20.07 -29.14
CA LEU B 450 10.42 -20.89 -28.16
C LEU B 450 9.30 -21.36 -27.25
N TYR B 451 9.17 -22.66 -27.04
CA TYR B 451 8.06 -23.17 -26.24
C TYR B 451 8.33 -24.41 -25.38
N GLU B 452 7.44 -24.64 -24.43
CA GLU B 452 7.51 -25.77 -23.52
C GLU B 452 6.75 -26.96 -24.09
N HIS B 453 7.41 -28.12 -24.11
CA HIS B 453 6.82 -29.35 -24.62
C HIS B 453 7.62 -30.52 -24.06
N THR B 454 6.98 -31.68 -23.96
CA THR B 454 7.66 -32.87 -23.50
C THR B 454 7.15 -34.05 -24.32
N GLU B 455 7.96 -35.09 -24.39
CA GLU B 455 7.61 -36.31 -25.10
C GLU B 455 8.66 -37.35 -24.74
N LYS B 456 8.33 -38.62 -24.89
CA LYS B 456 9.27 -39.70 -24.60
C LYS B 456 9.87 -39.63 -23.19
N GLY B 457 9.04 -39.37 -22.19
CA GLY B 457 9.52 -39.33 -20.82
C GLY B 457 10.26 -38.08 -20.36
N GLN B 458 10.37 -37.07 -21.22
CA GLN B 458 11.07 -35.84 -20.85
C GLN B 458 10.42 -35.18 -19.63
N ASN B 459 11.26 -34.66 -18.73
CA ASN B 459 10.77 -33.97 -17.54
C ASN B 459 10.20 -32.62 -17.99
N ALA B 460 9.21 -32.12 -17.26
CA ALA B 460 8.63 -30.82 -17.60
C ALA B 460 9.67 -29.74 -17.30
N TYR B 461 10.16 -29.02 -18.30
CA TYR B 461 9.82 -29.20 -19.71
C TYR B 461 11.12 -29.08 -20.48
N THR B 462 11.05 -29.37 -21.77
CA THR B 462 12.20 -29.19 -22.65
C THR B 462 11.72 -28.00 -23.48
N LEU B 463 12.57 -26.99 -23.63
CA LEU B 463 12.20 -25.82 -24.40
C LEU B 463 12.78 -25.95 -25.80
N SER B 464 11.89 -25.94 -26.78
CA SER B 464 12.28 -26.10 -28.18
C SER B 464 11.94 -24.88 -29.03
N PHE B 465 12.61 -24.79 -30.17
CA PHE B 465 12.42 -23.68 -31.09
C PHE B 465 11.95 -24.17 -32.45
N ARG B 466 11.13 -23.35 -33.11
CA ARG B 466 10.65 -23.64 -34.45
C ARG B 466 10.52 -22.33 -35.19
N LYS B 467 10.73 -22.37 -36.51
CA LYS B 467 10.60 -21.19 -37.35
C LYS B 467 9.55 -21.48 -38.40
N PHE B 468 8.66 -20.52 -38.64
CA PHE B 468 7.62 -20.68 -39.64
C PHE B 468 7.46 -19.39 -40.43
N ASN B 469 6.82 -19.48 -41.59
CA ASN B 469 6.62 -18.29 -42.41
C ASN B 469 5.16 -17.88 -42.50
N TRP B 470 4.91 -16.81 -43.25
CA TRP B 470 3.56 -16.30 -43.40
C TRP B 470 2.56 -17.32 -43.95
N ASP B 471 2.98 -18.12 -44.92
CA ASP B 471 2.09 -19.12 -45.50
C ASP B 471 1.64 -20.17 -44.49
N PHE B 472 2.54 -20.59 -43.62
CA PHE B 472 2.16 -21.58 -42.62
C PHE B 472 1.11 -20.99 -41.71
N LEU B 473 1.30 -19.72 -41.38
CA LEU B 473 0.42 -18.98 -40.49
C LEU B 473 -0.93 -18.59 -41.07
N SER B 474 -0.96 -18.27 -42.36
CA SER B 474 -2.19 -17.82 -43.00
C SER B 474 -2.98 -18.80 -43.85
N LYS B 475 -2.40 -19.96 -44.15
CA LYS B 475 -3.11 -20.93 -44.99
C LYS B 475 -3.54 -22.19 -44.24
N ASP B 476 -4.61 -22.82 -44.71
CA ASP B 476 -5.11 -24.04 -44.09
C ASP B 476 -4.03 -25.12 -44.15
N LEU B 477 -4.10 -26.09 -43.25
CA LEU B 477 -3.14 -27.18 -43.23
C LEU B 477 -3.76 -28.40 -43.90
#